data_1MU7
#
_entry.id   1MU7
#
_cell.length_a   50.058
_cell.length_b   105.276
_cell.length_c   194.683
_cell.angle_alpha   90.00
_cell.angle_beta   90.00
_cell.angle_gamma   90.00
#
_symmetry.space_group_name_H-M   'P 21 21 21'
#
loop_
_entity.id
_entity.type
_entity.pdbx_description
1 polymer 'Tyrosyl-DNA Phosphodiesterase'
2 non-polymer TUNGSTATE(VI)ION
3 non-polymer GLYCEROL
4 water water
#
_entity_poly.entity_id   1
_entity_poly.type   'polypeptide(L)'
_entity_poly.pdbx_seq_one_letter_code
;MGSSHHHHHHSSGLVPRGSHMLEDPGEGQDIWDMLDKGNPFQFYLTRVSGVKPKYNSGALHIKDILSPLFGTLVSSAQFN
YCFDVDWLVKQYPPEFRKKPILLVHGDKREAKAHLHAQAKPYENISLCQAKLDIAFGTHHTKMMLLLYEEGLRVVIHTSN
LIHADWHQKTQGIWLSPLYPRIADGTHKSGESPTHFKANLISYLTAYNAPSLKEWIDVIHKHDLSETNVYLIGSTPGRFQ
GSQKDNWGHFRLKKLLKDHASSMPNAESWPVVGQFSSVGSLGADESKWLCSEFKESMLTLGKESKTPGKSSVPLYLIYPS
VENVRTSLEGYPAGGSLPYSIQTAEKQNWLHSYFHKWSAETSGRSNAMPHIKTYMRPSPDFSKIAWFLVTSANLSKAAWG
ALEKNGTQLMIRSYELGVLFLPSALGLDSFKVKQKFFAGSQEPMATFPVPYDLPPELYGSKDRPWIWNIPYVKAPDTHGN
MWVPS
;
_entity_poly.pdbx_strand_id   A,B
#
# COMPACT_ATOMS: atom_id res chain seq x y z
N ASN A 39 -9.35 -0.31 -21.01
CA ASN A 39 -10.41 -0.31 -19.97
C ASN A 39 -9.79 -0.57 -18.61
N PRO A 40 -10.11 0.27 -17.62
CA PRO A 40 -9.46 0.13 -16.32
C PRO A 40 -10.05 -1.02 -15.55
N PHE A 41 -11.25 -1.46 -15.89
CA PHE A 41 -11.88 -2.45 -15.04
C PHE A 41 -11.56 -3.89 -15.36
N GLN A 42 -11.50 -4.23 -16.65
CA GLN A 42 -11.28 -5.60 -17.07
C GLN A 42 -12.32 -6.53 -16.43
N PHE A 43 -13.56 -6.03 -16.34
CA PHE A 43 -14.66 -6.80 -15.81
C PHE A 43 -15.54 -7.21 -17.02
N TYR A 44 -15.76 -8.51 -17.18
CA TYR A 44 -16.48 -9.06 -18.33
C TYR A 44 -17.59 -10.04 -17.90
N LEU A 45 -18.58 -10.22 -18.76
CA LEU A 45 -19.59 -11.27 -18.54
C LEU A 45 -19.24 -12.43 -19.45
N THR A 46 -19.68 -13.65 -19.11
CA THR A 46 -19.46 -14.78 -19.99
C THR A 46 -20.43 -14.71 -21.14
N ARG A 47 -20.09 -15.39 -22.23
CA ARG A 47 -20.93 -15.47 -23.40
C ARG A 47 -22.23 -16.19 -23.05
N VAL A 48 -23.34 -15.76 -23.66
CA VAL A 48 -24.63 -16.43 -23.46
C VAL A 48 -25.20 -16.92 -24.81
N SER A 49 -25.50 -18.21 -24.92
CA SER A 49 -26.11 -18.73 -26.14
C SER A 49 -27.58 -18.46 -26.11
N GLY A 50 -28.15 -18.06 -27.23
CA GLY A 50 -29.58 -17.83 -27.25
C GLY A 50 -29.94 -16.39 -27.20
N VAL A 51 -28.94 -15.52 -27.13
CA VAL A 51 -29.23 -14.09 -27.27
C VAL A 51 -28.51 -13.52 -28.48
N LYS A 52 -28.95 -12.32 -28.86
CA LYS A 52 -28.40 -11.59 -30.00
C LYS A 52 -26.91 -11.27 -29.83
N PRO A 53 -26.19 -11.35 -30.94
CA PRO A 53 -24.73 -11.15 -30.97
C PRO A 53 -24.26 -9.88 -30.29
N LYS A 54 -25.08 -8.85 -30.35
CA LYS A 54 -24.65 -7.59 -29.76
C LYS A 54 -24.48 -7.73 -28.25
N TYR A 55 -25.18 -8.70 -27.66
CA TYR A 55 -25.07 -8.95 -26.23
C TYR A 55 -23.86 -9.81 -25.90
N ASN A 56 -23.24 -10.40 -26.92
CA ASN A 56 -22.05 -11.20 -26.70
C ASN A 56 -20.78 -10.56 -27.23
N SER A 57 -20.88 -9.33 -27.73
CA SER A 57 -19.71 -8.68 -28.37
C SER A 57 -18.54 -8.42 -27.43
N GLY A 58 -18.82 -7.89 -26.25
CA GLY A 58 -17.78 -7.67 -25.26
C GLY A 58 -17.75 -8.80 -24.23
N ALA A 59 -18.22 -9.98 -24.60
CA ALA A 59 -18.28 -11.06 -23.62
C ALA A 59 -17.23 -12.11 -23.90
N LEU A 60 -16.91 -12.93 -22.90
CA LEU A 60 -15.86 -13.90 -23.07
C LEU A 60 -16.34 -15.29 -22.78
N HIS A 61 -15.88 -16.25 -23.58
CA HIS A 61 -16.14 -17.64 -23.29
C HIS A 61 -14.85 -18.21 -22.74
N ILE A 62 -14.91 -19.31 -21.99
CA ILE A 62 -13.69 -19.89 -21.47
C ILE A 62 -12.65 -20.17 -22.58
N LYS A 63 -13.09 -20.59 -23.77
CA LYS A 63 -12.14 -20.81 -24.86
C LYS A 63 -11.39 -19.53 -25.24
N ASP A 64 -12.05 -18.40 -25.08
CA ASP A 64 -11.43 -17.10 -25.38
C ASP A 64 -10.34 -16.81 -24.36
N ILE A 65 -10.66 -17.04 -23.10
CA ILE A 65 -9.72 -16.82 -22.03
C ILE A 65 -8.47 -17.68 -22.16
N LEU A 66 -8.64 -18.94 -22.58
CA LEU A 66 -7.49 -19.83 -22.72
C LEU A 66 -6.85 -19.83 -24.12
N SER A 67 -7.28 -18.91 -24.96
CA SER A 67 -6.79 -18.83 -26.34
C SER A 67 -5.30 -18.45 -26.44
N PRO A 68 -4.66 -18.89 -27.51
CA PRO A 68 -3.23 -18.63 -27.73
C PRO A 68 -2.91 -17.16 -27.90
N LEU A 69 -3.91 -16.37 -28.25
CA LEU A 69 -3.70 -14.94 -28.37
C LEU A 69 -3.39 -14.33 -27.00
N PHE A 70 -3.88 -14.97 -25.94
CA PHE A 70 -3.67 -14.48 -24.59
C PHE A 70 -2.24 -14.75 -24.13
N GLY A 71 -1.51 -15.58 -24.89
CA GLY A 71 -0.15 -15.94 -24.56
C GLY A 71 0.21 -17.42 -24.75
N THR A 72 1.50 -17.74 -24.69
CA THR A 72 1.97 -19.11 -24.90
C THR A 72 2.00 -19.91 -23.61
N LEU A 73 0.98 -20.74 -23.41
CA LEU A 73 0.81 -21.46 -22.15
C LEU A 73 1.93 -22.42 -21.76
N VAL A 74 2.30 -22.36 -20.50
CA VAL A 74 3.30 -23.26 -19.95
C VAL A 74 2.66 -24.19 -18.93
N SER A 75 1.87 -23.64 -18.02
CA SER A 75 1.07 -24.45 -17.10
C SER A 75 -0.05 -23.61 -16.48
N SER A 76 -1.00 -24.25 -15.81
CA SER A 76 -2.11 -23.48 -15.28
C SER A 76 -2.65 -24.08 -14.01
N ALA A 77 -3.35 -23.29 -13.23
CA ALA A 77 -4.05 -23.83 -12.07
C ALA A 77 -5.50 -23.42 -12.13
N GLN A 78 -6.39 -24.37 -11.88
CA GLN A 78 -7.82 -24.09 -11.90
C GLN A 78 -8.44 -24.33 -10.52
N PHE A 79 -8.77 -23.24 -9.82
CA PHE A 79 -9.39 -23.33 -8.51
C PHE A 79 -10.89 -23.33 -8.78
N ASN A 80 -11.61 -24.29 -8.21
CA ASN A 80 -13.03 -24.30 -8.44
C ASN A 80 -13.82 -25.17 -7.46
N TYR A 81 -15.13 -25.27 -7.65
CA TYR A 81 -16.00 -26.10 -6.83
C TYR A 81 -16.34 -27.37 -7.62
N CYS A 82 -16.90 -27.23 -8.82
CA CYS A 82 -17.26 -28.40 -9.62
C CYS A 82 -16.50 -28.40 -10.93
N PHE A 83 -16.06 -29.59 -11.35
CA PHE A 83 -15.31 -29.75 -12.59
C PHE A 83 -15.89 -30.87 -13.48
N ASP A 84 -15.81 -30.66 -14.78
CA ASP A 84 -16.09 -31.70 -15.74
C ASP A 84 -14.78 -31.74 -16.49
N VAL A 85 -13.93 -32.70 -16.16
CA VAL A 85 -12.58 -32.66 -16.69
C VAL A 85 -12.52 -32.87 -18.18
N ASP A 86 -13.30 -33.82 -18.69
CA ASP A 86 -13.34 -34.02 -20.11
C ASP A 86 -13.63 -32.70 -20.78
N TRP A 87 -14.66 -32.03 -20.28
CA TRP A 87 -15.06 -30.76 -20.88
C TRP A 87 -13.98 -29.68 -20.72
N LEU A 88 -13.38 -29.64 -19.54
CA LEU A 88 -12.39 -28.60 -19.25
C LEU A 88 -11.23 -28.72 -20.20
N VAL A 89 -10.70 -29.93 -20.33
CA VAL A 89 -9.56 -30.13 -21.19
C VAL A 89 -9.86 -29.70 -22.61
N LYS A 90 -11.09 -29.93 -23.07
CA LYS A 90 -11.50 -29.51 -24.41
C LYS A 90 -11.63 -27.99 -24.57
N GLN A 91 -11.67 -27.27 -23.45
CA GLN A 91 -11.71 -25.81 -23.54
C GLN A 91 -10.31 -25.26 -23.85
N TYR A 92 -9.25 -25.98 -23.45
CA TYR A 92 -7.89 -25.56 -23.76
C TYR A 92 -7.61 -25.75 -25.24
N PRO A 93 -6.82 -24.86 -25.85
CA PRO A 93 -6.45 -25.01 -27.26
C PRO A 93 -5.71 -26.33 -27.45
N PRO A 94 -5.92 -26.98 -28.58
CA PRO A 94 -5.28 -28.27 -28.84
C PRO A 94 -3.79 -28.22 -28.52
N GLU A 95 -3.11 -27.14 -28.91
CA GLU A 95 -1.68 -26.99 -28.61
C GLU A 95 -1.37 -26.96 -27.10
N PHE A 96 -2.31 -26.49 -26.28
CA PHE A 96 -2.05 -26.39 -24.85
C PHE A 96 -2.61 -27.50 -24.00
N ARG A 97 -3.32 -28.44 -24.61
CA ARG A 97 -3.98 -29.49 -23.83
C ARG A 97 -3.07 -30.40 -23.05
N LYS A 98 -1.83 -30.50 -23.47
CA LYS A 98 -0.90 -31.38 -22.81
C LYS A 98 -0.06 -30.68 -21.72
N LYS A 99 -0.21 -29.37 -21.60
CA LYS A 99 0.49 -28.61 -20.55
C LYS A 99 -0.10 -28.95 -19.19
N PRO A 100 0.72 -28.90 -18.15
CA PRO A 100 0.30 -29.25 -16.80
C PRO A 100 -0.84 -28.39 -16.24
N ILE A 101 -1.78 -29.05 -15.57
CA ILE A 101 -2.93 -28.40 -14.96
C ILE A 101 -3.13 -28.91 -13.55
N LEU A 102 -3.26 -27.99 -12.60
CA LEU A 102 -3.53 -28.33 -11.24
C LEU A 102 -4.98 -27.95 -10.96
N LEU A 103 -5.78 -28.91 -10.49
CA LEU A 103 -7.15 -28.65 -10.12
C LEU A 103 -7.13 -28.51 -8.62
N VAL A 104 -7.62 -27.37 -8.11
CA VAL A 104 -7.68 -27.13 -6.67
C VAL A 104 -9.14 -27.18 -6.28
N HIS A 105 -9.51 -28.19 -5.49
CA HIS A 105 -10.90 -28.47 -5.19
C HIS A 105 -11.00 -28.78 -3.73
N GLY A 106 -12.21 -29.03 -3.25
CA GLY A 106 -12.37 -29.31 -1.85
C GLY A 106 -13.14 -30.60 -1.61
N ASP A 107 -13.22 -31.43 -2.65
CA ASP A 107 -13.99 -32.67 -2.57
C ASP A 107 -13.43 -33.67 -1.56
N LYS A 108 -14.33 -34.41 -0.92
CA LYS A 108 -13.91 -35.42 0.03
C LYS A 108 -14.51 -36.78 -0.29
N ARG A 109 -13.82 -37.79 0.22
CA ARG A 109 -14.17 -39.20 0.07
C ARG A 109 -14.70 -39.65 -1.28
N GLU A 110 -15.96 -40.06 -1.39
CA GLU A 110 -16.35 -40.58 -2.71
C GLU A 110 -16.35 -39.51 -3.79
N ALA A 111 -16.75 -38.29 -3.45
CA ALA A 111 -16.70 -37.21 -4.43
C ALA A 111 -15.25 -37.06 -4.90
N LYS A 112 -14.32 -37.11 -3.96
CA LYS A 112 -12.90 -37.03 -4.29
C LYS A 112 -12.47 -38.19 -5.22
N ALA A 113 -12.79 -39.41 -4.81
CA ALA A 113 -12.46 -40.55 -5.65
C ALA A 113 -12.98 -40.30 -7.06
N HIS A 114 -14.21 -39.82 -7.16
CA HIS A 114 -14.75 -39.59 -8.50
C HIS A 114 -13.98 -38.53 -9.28
N LEU A 115 -13.57 -37.47 -8.61
CA LEU A 115 -12.81 -36.43 -9.28
C LEU A 115 -11.49 -37.02 -9.81
N HIS A 116 -10.82 -37.81 -8.98
CA HIS A 116 -9.56 -38.44 -9.40
C HIS A 116 -9.76 -39.33 -10.62
N ALA A 117 -10.85 -40.08 -10.61
CA ALA A 117 -11.17 -40.95 -11.73
C ALA A 117 -11.34 -40.14 -13.00
N GLN A 118 -12.05 -39.01 -12.88
CA GLN A 118 -12.22 -38.13 -14.03
C GLN A 118 -10.89 -37.68 -14.60
N ALA A 119 -9.93 -37.44 -13.72
CA ALA A 119 -8.63 -36.91 -14.16
C ALA A 119 -7.61 -37.95 -14.67
N LYS A 120 -7.77 -39.18 -14.24
CA LYS A 120 -6.82 -40.27 -14.59
C LYS A 120 -6.29 -40.32 -16.04
N PRO A 121 -7.15 -40.17 -17.03
CA PRO A 121 -6.77 -40.26 -18.44
C PRO A 121 -5.80 -39.19 -18.93
N TYR A 122 -5.68 -38.11 -18.17
CA TYR A 122 -4.85 -36.99 -18.57
C TYR A 122 -3.69 -36.92 -17.58
N GLU A 123 -2.54 -37.48 -17.96
CA GLU A 123 -1.43 -37.53 -17.02
C GLU A 123 -0.84 -36.17 -16.63
N ASN A 124 -1.19 -35.13 -17.38
CA ASN A 124 -0.71 -33.77 -17.11
C ASN A 124 -1.49 -33.06 -16.00
N ILE A 125 -2.50 -33.71 -15.46
CA ILE A 125 -3.35 -33.07 -14.49
C ILE A 125 -3.05 -33.58 -13.11
N SER A 126 -2.87 -32.65 -12.17
CA SER A 126 -2.67 -33.01 -10.78
C SER A 126 -3.81 -32.37 -9.99
N LEU A 127 -4.05 -32.86 -8.79
CA LEU A 127 -5.09 -32.32 -7.96
C LEU A 127 -4.55 -31.89 -6.60
N CYS A 128 -5.21 -30.89 -6.02
CA CYS A 128 -4.85 -30.37 -4.71
C CYS A 128 -6.13 -30.28 -3.92
N GLN A 129 -6.25 -31.09 -2.87
CA GLN A 129 -7.46 -31.05 -2.06
C GLN A 129 -7.34 -30.02 -0.95
N ALA A 130 -8.12 -28.94 -1.06
CA ALA A 130 -8.10 -27.86 -0.10
C ALA A 130 -8.67 -28.40 1.18
N LYS A 131 -8.00 -28.12 2.28
CA LYS A 131 -8.48 -28.60 3.55
C LYS A 131 -9.71 -27.83 3.99
N LEU A 132 -10.74 -28.59 4.36
CA LEU A 132 -11.94 -27.99 4.87
C LEU A 132 -12.11 -28.57 6.27
N ASP A 133 -11.51 -27.91 7.25
CA ASP A 133 -11.51 -28.43 8.61
C ASP A 133 -12.69 -27.95 9.44
N ILE A 134 -13.49 -27.05 8.89
CA ILE A 134 -14.68 -26.65 9.59
C ILE A 134 -15.85 -27.31 8.90
N ALA A 135 -16.85 -27.71 9.67
CA ALA A 135 -17.99 -28.41 9.13
C ALA A 135 -18.82 -27.55 8.18
N PHE A 136 -19.33 -28.20 7.13
CA PHE A 136 -20.21 -27.59 6.13
C PHE A 136 -19.58 -26.49 5.28
N GLY A 137 -18.26 -26.49 5.16
CA GLY A 137 -17.59 -25.53 4.31
C GLY A 137 -17.41 -26.08 2.90
N THR A 138 -17.08 -25.20 1.97
CA THR A 138 -16.82 -25.63 0.61
C THR A 138 -15.65 -24.85 0.05
N HIS A 139 -14.96 -25.47 -0.90
CA HIS A 139 -13.93 -24.76 -1.64
C HIS A 139 -14.65 -24.13 -2.82
N HIS A 140 -15.06 -22.88 -2.65
CA HIS A 140 -15.95 -22.21 -3.60
C HIS A 140 -15.28 -21.20 -4.55
N THR A 141 -14.05 -20.83 -4.23
CA THR A 141 -13.27 -19.91 -5.03
C THR A 141 -13.16 -20.28 -6.51
N LYS A 142 -13.41 -19.33 -7.40
CA LYS A 142 -13.20 -19.55 -8.81
C LYS A 142 -12.08 -18.70 -9.36
N MET A 143 -10.97 -19.36 -9.68
CA MET A 143 -9.79 -18.62 -10.12
C MET A 143 -8.95 -19.43 -11.04
N MET A 144 -8.33 -18.76 -11.99
CA MET A 144 -7.39 -19.40 -12.90
C MET A 144 -6.06 -18.70 -12.72
N LEU A 145 -4.98 -19.48 -12.60
CA LEU A 145 -3.65 -18.89 -12.63
C LEU A 145 -3.06 -19.41 -13.94
N LEU A 146 -2.67 -18.51 -14.83
CA LEU A 146 -2.20 -18.91 -16.14
C LEU A 146 -0.77 -18.44 -16.33
N LEU A 147 0.16 -19.39 -16.38
CA LEU A 147 1.57 -19.07 -16.56
C LEU A 147 1.94 -19.24 -18.02
N TYR A 148 2.49 -18.18 -18.60
CA TYR A 148 2.89 -18.16 -19.99
C TYR A 148 4.37 -17.95 -20.12
N GLU A 149 4.87 -18.18 -21.33
CA GLU A 149 6.26 -17.89 -21.63
C GLU A 149 6.43 -16.38 -21.46
N GLU A 150 5.37 -15.63 -21.75
CA GLU A 150 5.41 -14.16 -21.77
C GLU A 150 5.06 -13.49 -20.45
N GLY A 151 4.60 -14.27 -19.48
CA GLY A 151 4.23 -13.71 -18.20
C GLY A 151 3.14 -14.50 -17.52
N LEU A 152 2.42 -13.83 -16.61
CA LEU A 152 1.43 -14.49 -15.80
C LEU A 152 0.08 -13.75 -15.84
N ARG A 153 -1.00 -14.51 -15.91
CA ARG A 153 -2.32 -13.92 -15.80
C ARG A 153 -3.11 -14.56 -14.65
N VAL A 154 -3.90 -13.74 -13.96
CA VAL A 154 -4.76 -14.22 -12.90
C VAL A 154 -6.18 -13.89 -13.34
N VAL A 155 -7.07 -14.88 -13.22
CA VAL A 155 -8.46 -14.68 -13.59
C VAL A 155 -9.30 -15.03 -12.38
N ILE A 156 -10.14 -14.10 -11.96
CA ILE A 156 -11.00 -14.37 -10.82
C ILE A 156 -12.43 -14.25 -11.34
N HIS A 157 -13.22 -15.31 -11.14
CA HIS A 157 -14.53 -15.31 -11.80
C HIS A 157 -15.60 -16.01 -10.98
N THR A 158 -16.73 -16.36 -11.60
CA THR A 158 -17.81 -16.94 -10.81
C THR A 158 -18.32 -18.29 -11.29
N SER A 159 -17.74 -18.78 -12.39
CA SER A 159 -18.22 -20.00 -13.05
C SER A 159 -17.61 -21.33 -12.60
N ASN A 160 -18.43 -22.37 -12.46
CA ASN A 160 -17.90 -23.70 -12.24
C ASN A 160 -17.31 -24.14 -13.59
N LEU A 161 -16.46 -25.18 -13.58
CA LEU A 161 -15.86 -25.66 -14.83
C LEU A 161 -16.68 -26.83 -15.40
N ILE A 162 -17.94 -26.52 -15.74
CA ILE A 162 -18.86 -27.47 -16.34
C ILE A 162 -19.57 -26.71 -17.46
N HIS A 163 -20.01 -27.41 -18.50
CA HIS A 163 -20.63 -26.77 -19.66
C HIS A 163 -21.75 -25.80 -19.30
N ALA A 164 -22.62 -26.24 -18.41
CA ALA A 164 -23.80 -25.48 -18.05
C ALA A 164 -23.53 -24.07 -17.51
N ASP A 165 -22.43 -23.91 -16.80
CA ASP A 165 -22.15 -22.62 -16.20
C ASP A 165 -21.65 -21.59 -17.19
N TRP A 166 -21.31 -22.01 -18.40
CA TRP A 166 -20.82 -21.09 -19.41
C TRP A 166 -21.78 -20.99 -20.60
N HIS A 167 -22.95 -21.61 -20.47
CA HIS A 167 -23.91 -21.66 -21.56
C HIS A 167 -24.94 -20.53 -21.58
N GLN A 168 -25.82 -20.49 -20.59
CA GLN A 168 -26.88 -19.47 -20.58
C GLN A 168 -27.05 -18.73 -19.24
N LYS A 169 -25.98 -18.65 -18.47
CA LYS A 169 -26.06 -17.92 -17.21
C LYS A 169 -25.36 -16.59 -17.26
N THR A 170 -25.71 -15.70 -16.34
CA THR A 170 -24.97 -14.46 -16.20
C THR A 170 -23.86 -14.73 -15.19
N GLN A 171 -22.61 -14.66 -15.68
CA GLN A 171 -21.43 -14.91 -14.84
C GLN A 171 -20.47 -13.72 -15.01
N GLY A 172 -19.63 -13.50 -14.01
CA GLY A 172 -18.66 -12.41 -14.05
C GLY A 172 -17.21 -12.87 -14.12
N ILE A 173 -16.39 -12.06 -14.77
CA ILE A 173 -14.99 -12.35 -14.90
C ILE A 173 -14.14 -11.10 -14.70
N TRP A 174 -13.06 -11.25 -13.95
CA TRP A 174 -12.07 -10.19 -13.88
C TRP A 174 -10.79 -10.73 -14.44
N LEU A 175 -10.22 -10.00 -15.39
CA LEU A 175 -8.97 -10.38 -16.03
C LEU A 175 -7.83 -9.46 -15.60
N SER A 176 -6.81 -10.02 -14.97
CA SER A 176 -5.66 -9.21 -14.59
C SER A 176 -4.91 -8.84 -15.85
N PRO A 177 -4.00 -7.89 -15.74
CA PRO A 177 -3.11 -7.57 -16.86
C PRO A 177 -2.16 -8.74 -17.03
N LEU A 178 -1.47 -8.77 -18.16
CA LEU A 178 -0.40 -9.75 -18.36
C LEU A 178 0.74 -9.24 -17.48
N TYR A 179 1.05 -9.98 -16.43
CA TYR A 179 2.08 -9.58 -15.50
C TYR A 179 3.43 -10.12 -16.00
N PRO A 180 4.38 -9.23 -16.27
CA PRO A 180 5.70 -9.65 -16.76
C PRO A 180 6.50 -10.27 -15.62
N ARG A 181 7.51 -11.04 -15.98
CA ARG A 181 8.34 -11.70 -14.99
C ARG A 181 9.40 -10.68 -14.55
N ILE A 182 9.80 -10.73 -13.28
CA ILE A 182 10.79 -9.75 -12.83
C ILE A 182 12.19 -10.11 -13.33
N ALA A 183 12.80 -9.16 -14.01
CA ALA A 183 14.14 -9.32 -14.56
C ALA A 183 15.20 -9.59 -13.49
N ASP A 184 15.72 -10.81 -13.48
CA ASP A 184 16.82 -11.16 -12.57
C ASP A 184 17.86 -10.06 -12.70
N GLY A 185 18.37 -9.55 -11.58
CA GLY A 185 19.34 -8.49 -11.66
C GLY A 185 18.68 -7.21 -11.21
N THR A 186 17.36 -7.16 -11.36
CA THR A 186 16.67 -6.02 -10.80
C THR A 186 16.19 -6.42 -9.39
N HIS A 187 15.90 -5.43 -8.56
CA HIS A 187 15.50 -5.70 -7.18
C HIS A 187 14.13 -5.11 -6.93
N LYS A 188 13.08 -5.89 -7.20
CA LYS A 188 11.74 -5.32 -7.15
C LYS A 188 10.71 -6.11 -6.40
N SER A 189 9.81 -5.39 -5.74
CA SER A 189 8.72 -6.01 -5.02
C SER A 189 7.71 -6.56 -6.01
N GLY A 190 7.50 -5.82 -7.08
CA GLY A 190 6.44 -6.13 -8.02
C GLY A 190 5.08 -5.93 -7.38
N GLU A 191 5.02 -5.12 -6.31
CA GLU A 191 3.79 -4.92 -5.58
C GLU A 191 2.97 -3.76 -6.15
N SER A 192 1.65 -3.83 -6.03
CA SER A 192 0.78 -2.72 -6.46
C SER A 192 0.37 -1.90 -5.26
N PRO A 193 -0.14 -0.69 -5.48
CA PRO A 193 -0.64 0.15 -4.39
C PRO A 193 -1.81 -0.53 -3.69
N THR A 194 -2.50 -1.45 -4.36
CA THR A 194 -3.58 -2.16 -3.68
C THR A 194 -3.04 -3.37 -2.89
N HIS A 195 -1.74 -3.63 -2.98
CA HIS A 195 -1.13 -4.76 -2.27
C HIS A 195 -1.65 -6.11 -2.74
N PHE A 196 -2.08 -6.17 -4.00
CA PHE A 196 -2.65 -7.39 -4.56
C PHE A 196 -1.66 -8.57 -4.47
N LYS A 197 -0.40 -8.33 -4.77
CA LYS A 197 0.56 -9.41 -4.83
C LYS A 197 0.69 -10.13 -3.49
N ALA A 198 1.01 -9.38 -2.43
CA ALA A 198 1.09 -9.95 -1.09
C ALA A 198 -0.24 -10.56 -0.67
N ASN A 199 -1.36 -9.89 -1.00
CA ASN A 199 -2.68 -10.39 -0.62
C ASN A 199 -2.97 -11.73 -1.27
N LEU A 200 -2.62 -11.87 -2.54
CA LEU A 200 -2.83 -13.13 -3.24
C LEU A 200 -1.95 -14.24 -2.64
N ILE A 201 -0.71 -13.92 -2.28
CA ILE A 201 0.19 -14.89 -1.64
C ILE A 201 -0.30 -15.31 -0.27
N SER A 202 -0.82 -14.37 0.51
CA SER A 202 -1.39 -14.74 1.80
C SER A 202 -2.58 -15.68 1.55
N TYR A 203 -3.40 -15.37 0.55
CA TYR A 203 -4.55 -16.24 0.26
C TYR A 203 -4.06 -17.68 -0.03
N LEU A 204 -3.10 -17.81 -0.92
CA LEU A 204 -2.60 -19.14 -1.26
C LEU A 204 -1.88 -19.81 -0.09
N THR A 205 -1.20 -19.00 0.71
CA THR A 205 -0.46 -19.53 1.85
C THR A 205 -1.41 -20.20 2.83
N ALA A 206 -2.63 -19.70 2.88
CA ALA A 206 -3.59 -20.26 3.81
C ALA A 206 -3.97 -21.69 3.49
N TYR A 207 -3.76 -22.16 2.25
CA TYR A 207 -4.11 -23.56 1.95
C TYR A 207 -3.11 -24.49 2.62
N ASN A 208 -1.90 -23.98 2.86
CA ASN A 208 -0.89 -24.81 3.51
C ASN A 208 -0.73 -26.06 2.67
N ALA A 209 -0.63 -25.88 1.34
CA ALA A 209 -0.55 -26.96 0.35
C ALA A 209 0.73 -26.98 -0.49
N PRO A 210 1.37 -28.14 -0.52
CA PRO A 210 2.61 -28.32 -1.27
C PRO A 210 2.52 -27.87 -2.73
N SER A 211 1.46 -28.26 -3.42
CA SER A 211 1.33 -27.91 -4.84
C SER A 211 1.13 -26.40 -5.01
N LEU A 212 0.64 -25.72 -3.99
CA LEU A 212 0.45 -24.28 -4.18
C LEU A 212 1.77 -23.50 -4.02
N LYS A 213 2.71 -24.08 -3.26
CA LYS A 213 4.00 -23.44 -3.04
C LYS A 213 4.66 -23.04 -4.33
N GLU A 214 4.60 -23.90 -5.34
CA GLU A 214 5.18 -23.60 -6.64
C GLU A 214 4.49 -22.41 -7.27
N TRP A 215 3.19 -22.31 -7.06
CA TRP A 215 2.45 -21.18 -7.61
C TRP A 215 2.78 -19.90 -6.83
N ILE A 216 2.97 -20.02 -5.51
CA ILE A 216 3.41 -18.85 -4.73
C ILE A 216 4.77 -18.34 -5.24
N ASP A 217 5.70 -19.25 -5.50
CA ASP A 217 7.02 -18.85 -5.98
C ASP A 217 6.93 -18.23 -7.36
N VAL A 218 5.99 -18.75 -8.15
CA VAL A 218 5.78 -18.18 -9.46
C VAL A 218 5.30 -16.72 -9.29
N ILE A 219 4.36 -16.50 -8.38
CA ILE A 219 3.83 -15.13 -8.24
C ILE A 219 4.95 -14.19 -7.77
N HIS A 220 5.77 -14.68 -6.85
CA HIS A 220 6.88 -13.90 -6.33
C HIS A 220 7.73 -13.38 -7.44
N LYS A 221 7.88 -14.21 -8.45
CA LYS A 221 8.77 -13.92 -9.58
C LYS A 221 8.21 -12.91 -10.56
N HIS A 222 6.93 -12.58 -10.44
CA HIS A 222 6.34 -11.66 -11.41
C HIS A 222 6.03 -10.27 -10.86
N ASP A 223 5.83 -9.33 -11.78
CA ASP A 223 5.52 -7.94 -11.44
C ASP A 223 4.02 -7.71 -11.52
N LEU A 224 3.36 -7.59 -10.39
CA LEU A 224 1.91 -7.35 -10.37
C LEU A 224 1.56 -5.89 -10.02
N SER A 225 2.51 -4.99 -10.25
CA SER A 225 2.35 -3.59 -9.84
C SER A 225 1.24 -2.83 -10.56
N GLU A 226 0.83 -3.31 -11.73
CA GLU A 226 -0.21 -2.59 -12.44
C GLU A 226 -1.62 -2.86 -11.89
N THR A 227 -1.75 -3.87 -11.01
CA THR A 227 -3.07 -4.26 -10.49
C THR A 227 -3.80 -3.12 -9.81
N ASN A 228 -5.01 -2.84 -10.24
CA ASN A 228 -5.77 -1.74 -9.63
C ASN A 228 -7.01 -2.18 -8.87
N VAL A 229 -7.10 -3.45 -8.50
CA VAL A 229 -8.23 -3.91 -7.71
C VAL A 229 -7.69 -4.43 -6.38
N TYR A 230 -8.56 -4.53 -5.39
CA TYR A 230 -8.23 -5.12 -4.10
C TYR A 230 -8.77 -6.57 -4.02
N LEU A 231 -7.96 -7.48 -3.51
CA LEU A 231 -8.37 -8.87 -3.38
C LEU A 231 -9.17 -9.08 -2.10
N ILE A 232 -10.32 -9.74 -2.22
CA ILE A 232 -11.12 -10.00 -1.03
C ILE A 232 -11.36 -11.48 -0.95
N GLY A 233 -10.69 -12.12 0.00
CA GLY A 233 -10.79 -13.57 0.13
C GLY A 233 -11.43 -14.04 1.42
N SER A 234 -11.92 -15.27 1.39
CA SER A 234 -12.42 -15.92 2.60
C SER A 234 -11.64 -17.20 2.66
N THR A 235 -11.30 -17.63 3.87
CA THR A 235 -10.59 -18.89 4.05
C THR A 235 -11.09 -19.47 5.37
N PRO A 236 -11.20 -20.79 5.47
CA PRO A 236 -11.83 -21.39 6.65
C PRO A 236 -10.99 -21.13 7.88
N GLY A 237 -11.63 -20.83 9.00
CA GLY A 237 -10.89 -20.65 10.24
C GLY A 237 -11.66 -19.85 11.25
N ARG A 238 -11.01 -19.61 12.39
CA ARG A 238 -11.53 -18.77 13.44
C ARG A 238 -10.47 -17.70 13.64
N PHE A 239 -10.81 -16.46 13.33
CA PHE A 239 -9.83 -15.40 13.32
C PHE A 239 -10.02 -14.38 14.43
N GLN A 240 -8.92 -14.11 15.13
CA GLN A 240 -8.97 -13.24 16.29
C GLN A 240 -8.04 -12.05 16.16
N GLY A 241 -8.23 -11.11 17.07
CA GLY A 241 -7.39 -9.95 17.17
C GLY A 241 -7.39 -9.15 15.89
N SER A 242 -6.25 -9.16 15.22
CA SER A 242 -6.08 -8.37 14.03
C SER A 242 -6.43 -9.24 12.84
N GLN A 243 -6.19 -10.54 12.98
CA GLN A 243 -6.46 -11.47 11.90
C GLN A 243 -7.91 -11.48 11.45
N LYS A 244 -8.79 -10.86 12.23
CA LYS A 244 -10.19 -10.79 11.86
C LYS A 244 -10.33 -9.99 10.57
N ASP A 245 -9.43 -9.04 10.37
CA ASP A 245 -9.50 -8.14 9.22
C ASP A 245 -8.95 -8.74 7.93
N ASN A 246 -8.37 -9.92 8.04
CA ASN A 246 -7.74 -10.54 6.88
C ASN A 246 -8.75 -11.12 5.87
N TRP A 247 -9.92 -11.52 6.34
CA TRP A 247 -10.87 -12.24 5.50
C TRP A 247 -12.31 -11.81 5.65
N GLY A 248 -13.16 -12.34 4.76
CA GLY A 248 -14.58 -12.12 4.81
C GLY A 248 -15.06 -10.69 4.85
N HIS A 249 -16.15 -10.47 5.55
CA HIS A 249 -16.74 -9.15 5.56
C HIS A 249 -15.94 -8.14 6.35
N PHE A 250 -15.10 -8.62 7.26
CA PHE A 250 -14.25 -7.73 8.02
C PHE A 250 -13.12 -7.24 7.12
N ARG A 251 -12.70 -8.07 6.18
CA ARG A 251 -11.72 -7.62 5.19
C ARG A 251 -12.34 -6.50 4.36
N LEU A 252 -13.58 -6.69 3.91
CA LEU A 252 -14.23 -5.66 3.13
C LEU A 252 -14.36 -4.40 3.97
N LYS A 253 -14.83 -4.57 5.20
CA LYS A 253 -14.96 -3.43 6.11
C LYS A 253 -13.65 -2.62 6.21
N LYS A 254 -12.53 -3.31 6.39
CA LYS A 254 -11.22 -2.68 6.55
C LYS A 254 -10.82 -1.89 5.32
N LEU A 255 -11.06 -2.45 4.15
CA LEU A 255 -10.71 -1.74 2.93
C LEU A 255 -11.57 -0.50 2.74
N LEU A 256 -12.85 -0.60 3.10
CA LEU A 256 -13.78 0.53 2.89
C LEU A 256 -13.47 1.68 3.84
N LYS A 257 -13.06 1.32 5.05
CA LYS A 257 -12.68 2.31 6.04
C LYS A 257 -11.38 3.02 5.64
N ASP A 258 -10.42 2.25 5.13
CA ASP A 258 -9.12 2.80 4.77
C ASP A 258 -9.07 3.48 3.41
N HIS A 259 -9.88 3.01 2.47
CA HIS A 259 -9.72 3.48 1.08
C HIS A 259 -10.94 4.04 0.39
N ALA A 260 -12.01 4.24 1.15
CA ALA A 260 -13.21 4.84 0.59
C ALA A 260 -13.47 6.16 1.32
N ALA A 266 -24.33 12.67 1.77
CA ALA A 266 -25.68 12.18 2.27
C ALA A 266 -25.84 10.64 2.34
N GLU A 267 -25.01 10.07 3.19
CA GLU A 267 -24.82 8.62 3.26
C GLU A 267 -25.97 7.61 3.25
N SER A 268 -27.20 8.13 3.06
CA SER A 268 -28.35 7.33 2.61
C SER A 268 -28.13 6.67 1.19
N TRP A 269 -26.88 6.36 0.89
CA TRP A 269 -26.57 5.56 -0.30
C TRP A 269 -26.93 4.11 0.07
N PRO A 270 -27.74 3.46 -0.74
CA PRO A 270 -28.08 2.06 -0.43
C PRO A 270 -26.89 1.14 -0.65
N VAL A 271 -27.06 -0.09 -0.19
CA VAL A 271 -26.13 -1.20 -0.40
C VAL A 271 -26.96 -2.17 -1.26
N VAL A 272 -26.36 -2.71 -2.31
CA VAL A 272 -27.05 -3.69 -3.13
C VAL A 272 -26.26 -5.00 -3.05
N GLY A 273 -26.93 -6.11 -2.78
CA GLY A 273 -26.30 -7.43 -2.74
C GLY A 273 -27.05 -8.28 -3.75
N GLN A 274 -26.32 -9.11 -4.49
CA GLN A 274 -26.87 -9.87 -5.61
C GLN A 274 -26.11 -11.21 -5.65
N PHE A 275 -26.84 -12.32 -5.59
CA PHE A 275 -26.21 -13.61 -5.35
C PHE A 275 -27.11 -14.74 -5.87
N SER A 276 -26.61 -15.98 -5.78
CA SER A 276 -27.36 -17.12 -6.31
C SER A 276 -27.68 -18.19 -5.28
N SER A 277 -27.23 -17.98 -4.05
CA SER A 277 -27.55 -18.89 -2.97
C SER A 277 -27.67 -18.11 -1.67
N VAL A 278 -28.49 -18.63 -0.75
CA VAL A 278 -28.69 -18.02 0.57
C VAL A 278 -28.58 -19.07 1.66
N GLY A 279 -27.76 -18.79 2.68
CA GLY A 279 -27.62 -19.71 3.81
C GLY A 279 -28.66 -19.32 4.85
N SER A 280 -28.60 -19.93 6.02
CA SER A 280 -29.53 -19.57 7.10
C SER A 280 -28.94 -18.36 7.81
N LEU A 281 -29.69 -17.27 7.89
CA LEU A 281 -29.13 -16.06 8.45
C LEU A 281 -29.63 -15.79 9.87
N GLY A 282 -30.60 -16.59 10.31
CA GLY A 282 -31.17 -16.46 11.64
C GLY A 282 -32.64 -16.10 11.71
N ALA A 283 -33.18 -16.10 12.93
CA ALA A 283 -34.59 -15.82 13.18
C ALA A 283 -35.04 -14.43 12.75
N ASP A 284 -34.14 -13.46 12.79
CA ASP A 284 -34.46 -12.11 12.34
C ASP A 284 -33.22 -11.39 11.81
N GLU A 285 -33.43 -10.26 11.14
CA GLU A 285 -32.36 -9.48 10.52
C GLU A 285 -31.28 -8.98 11.47
N SER A 286 -31.61 -8.86 12.74
CA SER A 286 -30.66 -8.35 13.71
C SER A 286 -29.62 -9.39 14.08
N LYS A 287 -29.90 -10.65 13.76
CA LYS A 287 -29.00 -11.72 14.14
C LYS A 287 -27.66 -11.69 13.39
N TRP A 288 -27.68 -11.22 12.14
CA TRP A 288 -26.46 -11.21 11.32
C TRP A 288 -26.53 -10.30 10.11
N LEU A 289 -27.64 -10.38 9.36
CA LEU A 289 -27.77 -9.59 8.15
C LEU A 289 -27.54 -8.10 8.39
N CYS A 290 -28.45 -7.49 9.13
CA CYS A 290 -28.40 -6.06 9.38
C CYS A 290 -27.38 -5.70 10.42
N SER A 291 -27.06 -6.65 11.30
CA SER A 291 -26.11 -6.37 12.35
C SER A 291 -24.67 -6.41 11.87
N GLU A 292 -24.14 -7.56 11.49
CA GLU A 292 -22.75 -7.52 11.07
C GLU A 292 -22.49 -7.38 9.56
N PHE A 293 -23.28 -8.07 8.75
CA PHE A 293 -23.08 -8.00 7.32
C PHE A 293 -23.31 -6.60 6.78
N LYS A 294 -24.48 -6.04 7.05
CA LYS A 294 -24.81 -4.70 6.59
C LYS A 294 -23.84 -3.67 7.17
N GLU A 295 -23.51 -3.82 8.45
CA GLU A 295 -22.59 -2.87 9.07
C GLU A 295 -21.28 -2.79 8.30
N SER A 296 -20.72 -3.96 7.97
CA SER A 296 -19.48 -3.96 7.20
C SER A 296 -19.66 -3.24 5.88
N MET A 297 -20.71 -3.61 5.16
CA MET A 297 -20.91 -3.05 3.82
C MET A 297 -21.27 -1.56 3.75
N LEU A 298 -21.79 -0.99 4.83
CA LEU A 298 -22.16 0.42 4.80
C LEU A 298 -20.97 1.30 5.20
N THR A 299 -19.93 0.66 5.71
CA THR A 299 -18.71 1.35 6.07
C THR A 299 -18.14 2.19 4.91
N LEU A 300 -17.72 3.42 5.23
CA LEU A 300 -17.07 4.31 4.28
C LEU A 300 -16.16 5.25 5.04
N GLY A 301 -14.86 5.17 4.79
CA GLY A 301 -13.90 6.08 5.40
C GLY A 301 -13.71 6.01 6.90
N SER A 311 -30.17 3.54 9.09
CA SER A 311 -31.36 3.62 8.18
C SER A 311 -30.98 3.39 6.71
N VAL A 312 -29.79 2.84 6.48
CA VAL A 312 -29.37 2.63 5.10
C VAL A 312 -30.22 1.51 4.50
N PRO A 313 -30.74 1.76 3.32
CA PRO A 313 -31.54 0.77 2.58
C PRO A 313 -30.67 -0.40 2.11
N LEU A 314 -31.16 -1.61 2.32
CA LEU A 314 -30.47 -2.81 1.89
C LEU A 314 -31.34 -3.47 0.81
N TYR A 315 -30.82 -3.55 -0.40
CA TYR A 315 -31.54 -4.20 -1.49
C TYR A 315 -30.86 -5.52 -1.88
N LEU A 316 -31.61 -6.61 -1.89
CA LEU A 316 -31.03 -7.92 -2.26
C LEU A 316 -31.65 -8.40 -3.56
N ILE A 317 -30.82 -8.79 -4.52
CA ILE A 317 -31.31 -9.25 -5.80
C ILE A 317 -31.11 -10.77 -5.91
N TYR A 318 -32.22 -11.47 -6.06
CA TYR A 318 -32.24 -12.92 -6.14
C TYR A 318 -33.49 -13.31 -6.92
N PRO A 319 -33.32 -14.17 -7.91
CA PRO A 319 -34.41 -14.53 -8.83
C PRO A 319 -35.64 -15.12 -8.15
N SER A 320 -36.79 -14.67 -8.65
CA SER A 320 -38.07 -15.17 -8.21
C SER A 320 -38.35 -16.42 -9.03
N VAL A 321 -39.41 -17.14 -8.62
CA VAL A 321 -39.85 -18.30 -9.36
C VAL A 321 -40.16 -17.94 -10.80
N GLU A 322 -40.89 -16.86 -10.99
CA GLU A 322 -41.17 -16.42 -12.36
C GLU A 322 -39.91 -16.11 -13.18
N ASN A 323 -38.92 -15.48 -12.56
CA ASN A 323 -37.67 -15.18 -13.26
C ASN A 323 -37.09 -16.51 -13.75
N VAL A 324 -37.07 -17.50 -12.88
CA VAL A 324 -36.55 -18.81 -13.28
C VAL A 324 -37.43 -19.49 -14.31
N ARG A 325 -38.74 -19.53 -14.04
CA ARG A 325 -39.69 -20.20 -14.93
C ARG A 325 -39.55 -19.76 -16.39
N THR A 326 -39.39 -18.45 -16.60
CA THR A 326 -39.34 -17.89 -17.95
C THR A 326 -37.94 -17.67 -18.51
N SER A 327 -36.93 -18.19 -17.82
CA SER A 327 -35.55 -18.02 -18.26
C SER A 327 -35.25 -18.79 -19.55
N LEU A 328 -34.06 -18.61 -20.09
CA LEU A 328 -33.65 -19.34 -21.30
C LEU A 328 -33.58 -20.83 -21.03
N GLU A 329 -33.30 -21.20 -19.77
CA GLU A 329 -33.17 -22.61 -19.42
C GLU A 329 -34.47 -23.17 -18.90
N GLY A 330 -35.33 -22.30 -18.40
CA GLY A 330 -36.52 -22.74 -17.71
C GLY A 330 -36.11 -23.15 -16.30
N TYR A 331 -36.95 -23.98 -15.68
CA TYR A 331 -36.74 -24.46 -14.31
C TYR A 331 -35.36 -25.07 -14.00
N PRO A 332 -34.77 -25.83 -14.91
CA PRO A 332 -33.45 -26.38 -14.66
C PRO A 332 -32.42 -25.27 -14.27
N ALA A 333 -32.69 -24.02 -14.62
CA ALA A 333 -31.79 -22.95 -14.23
C ALA A 333 -31.70 -23.00 -12.73
N GLY A 334 -32.80 -23.43 -12.12
CA GLY A 334 -32.92 -23.48 -10.68
C GLY A 334 -32.04 -24.48 -9.99
N GLY A 335 -31.49 -25.41 -10.74
CA GLY A 335 -30.52 -26.33 -10.19
C GLY A 335 -29.25 -25.60 -9.75
N SER A 336 -29.04 -24.39 -10.26
CA SER A 336 -27.89 -23.58 -9.90
C SER A 336 -28.26 -22.40 -8.97
N LEU A 337 -29.43 -22.47 -8.34
CA LEU A 337 -29.86 -21.48 -7.36
C LEU A 337 -30.34 -22.26 -6.12
N PRO A 338 -29.39 -22.84 -5.40
CA PRO A 338 -29.72 -23.81 -4.34
C PRO A 338 -30.25 -23.31 -3.00
N TYR A 339 -31.30 -22.52 -2.98
CA TYR A 339 -31.92 -22.05 -1.74
C TYR A 339 -32.92 -23.13 -1.34
N SER A 340 -32.70 -23.76 -0.19
CA SER A 340 -33.55 -24.90 0.20
C SER A 340 -34.76 -24.51 1.02
N ILE A 341 -35.84 -25.26 0.88
CA ILE A 341 -37.05 -24.98 1.63
C ILE A 341 -36.76 -25.03 3.13
N GLN A 342 -35.94 -25.96 3.55
CA GLN A 342 -35.65 -26.06 4.97
C GLN A 342 -35.05 -24.77 5.49
N THR A 343 -34.17 -24.17 4.70
CA THR A 343 -33.57 -22.90 5.13
C THR A 343 -34.55 -21.75 5.05
N ALA A 344 -35.23 -21.63 3.91
CA ALA A 344 -36.12 -20.49 3.70
C ALA A 344 -37.27 -20.40 4.70
N GLU A 345 -37.91 -21.53 5.00
CA GLU A 345 -39.05 -21.51 5.90
C GLU A 345 -38.68 -20.92 7.26
N LYS A 346 -37.41 -21.04 7.63
CA LYS A 346 -36.95 -20.54 8.91
C LYS A 346 -36.69 -19.04 8.89
N GLN A 347 -36.83 -18.42 7.74
CA GLN A 347 -36.41 -17.03 7.66
C GLN A 347 -37.20 -16.23 6.66
N ASN A 348 -38.52 -16.43 6.65
CA ASN A 348 -39.36 -15.70 5.71
C ASN A 348 -39.21 -14.18 5.82
N TRP A 349 -38.67 -13.73 6.94
CA TRP A 349 -38.52 -12.29 7.18
C TRP A 349 -37.61 -11.68 6.14
N LEU A 350 -36.73 -12.50 5.58
CA LEU A 350 -35.71 -12.04 4.65
C LEU A 350 -36.27 -11.69 3.28
N HIS A 351 -37.36 -12.34 2.91
CA HIS A 351 -37.85 -12.21 1.55
C HIS A 351 -38.46 -10.87 1.25
N SER A 352 -38.66 -10.08 2.30
CA SER A 352 -39.16 -8.73 2.09
C SER A 352 -38.01 -7.85 1.58
N TYR A 353 -36.78 -8.36 1.63
CA TYR A 353 -35.67 -7.59 1.09
C TYR A 353 -35.41 -7.93 -0.38
N PHE A 354 -36.14 -8.92 -0.89
CA PHE A 354 -35.85 -9.46 -2.21
C PHE A 354 -36.34 -8.67 -3.39
N HIS A 355 -35.48 -8.59 -4.40
CA HIS A 355 -35.74 -7.88 -5.62
C HIS A 355 -35.50 -8.84 -6.79
N LYS A 356 -36.22 -8.59 -7.88
CA LYS A 356 -36.18 -9.44 -9.06
C LYS A 356 -34.88 -9.31 -9.84
N TRP A 357 -34.57 -10.33 -10.62
CA TRP A 357 -33.46 -10.24 -11.55
C TRP A 357 -33.96 -9.65 -12.85
N SER A 358 -33.29 -8.57 -13.25
CA SER A 358 -33.62 -7.82 -14.44
C SER A 358 -32.30 -7.30 -14.98
N ALA A 359 -31.99 -7.65 -16.22
CA ALA A 359 -30.70 -7.27 -16.79
C ALA A 359 -30.83 -6.84 -18.25
N GLU A 360 -31.82 -6.01 -18.54
CA GLU A 360 -32.02 -5.52 -19.90
C GLU A 360 -30.76 -4.77 -20.38
N THR A 361 -30.10 -4.08 -19.46
CA THR A 361 -28.88 -3.36 -19.81
C THR A 361 -27.85 -4.22 -20.49
N SER A 362 -27.80 -5.51 -20.14
CA SER A 362 -26.85 -6.44 -20.76
C SER A 362 -27.56 -7.56 -21.55
N GLY A 363 -28.86 -7.41 -21.75
CA GLY A 363 -29.66 -8.39 -22.49
C GLY A 363 -29.70 -9.76 -21.85
N ARG A 364 -29.71 -9.78 -20.52
CA ARG A 364 -29.58 -11.03 -19.78
C ARG A 364 -30.68 -11.26 -18.76
N SER A 365 -31.81 -10.59 -18.88
CA SER A 365 -32.89 -10.84 -17.93
C SER A 365 -33.30 -12.30 -17.90
N ASN A 366 -33.06 -13.00 -19.00
CA ASN A 366 -33.45 -14.41 -19.13
C ASN A 366 -32.29 -15.36 -18.91
N ALA A 367 -31.11 -14.80 -18.64
CA ALA A 367 -29.93 -15.60 -18.31
C ALA A 367 -29.75 -15.60 -16.80
N MET A 368 -30.19 -16.65 -16.10
CA MET A 368 -30.18 -16.58 -14.64
C MET A 368 -28.80 -16.28 -14.07
N PRO A 369 -28.75 -15.47 -13.02
CA PRO A 369 -27.47 -15.03 -12.46
C PRO A 369 -26.76 -16.13 -11.67
N HIS A 370 -25.47 -16.29 -11.94
CA HIS A 370 -24.64 -17.15 -11.10
C HIS A 370 -23.51 -16.27 -10.58
N ILE A 371 -23.39 -15.08 -11.17
CA ILE A 371 -22.45 -14.09 -10.66
C ILE A 371 -22.95 -13.65 -9.28
N LYS A 372 -22.05 -13.17 -8.42
CA LYS A 372 -22.47 -12.53 -7.18
C LYS A 372 -21.78 -11.16 -7.15
N THR A 373 -22.54 -10.12 -6.83
CA THR A 373 -21.97 -8.77 -6.78
C THR A 373 -22.51 -8.02 -5.57
N TYR A 374 -21.72 -7.06 -5.10
CA TYR A 374 -22.12 -6.22 -4.00
C TYR A 374 -21.65 -4.83 -4.35
N MET A 375 -22.47 -3.82 -4.04
CA MET A 375 -22.09 -2.46 -4.43
C MET A 375 -22.84 -1.39 -3.62
N ARG A 376 -22.43 -0.13 -3.79
CA ARG A 376 -22.96 0.95 -3.00
C ARG A 376 -23.30 2.13 -3.89
N PRO A 377 -24.49 2.12 -4.47
CA PRO A 377 -24.87 3.19 -5.41
C PRO A 377 -25.35 4.43 -4.67
N SER A 378 -25.38 5.56 -5.37
CA SER A 378 -25.93 6.78 -4.80
C SER A 378 -27.48 6.64 -4.74
N PRO A 379 -28.15 7.54 -4.01
CA PRO A 379 -29.62 7.54 -3.89
C PRO A 379 -30.36 7.44 -5.21
N ASP A 380 -29.86 8.05 -6.28
CA ASP A 380 -30.50 7.91 -7.57
C ASP A 380 -29.84 6.85 -8.48
N PHE A 381 -28.92 6.05 -7.95
CA PHE A 381 -28.26 4.99 -8.73
C PHE A 381 -27.48 5.42 -9.98
N SER A 382 -27.09 6.67 -10.07
CA SER A 382 -26.35 7.14 -11.24
C SER A 382 -24.87 6.95 -11.01
N LYS A 383 -24.47 6.74 -9.77
CA LYS A 383 -23.07 6.50 -9.50
C LYS A 383 -22.90 5.50 -8.37
N ILE A 384 -21.68 5.01 -8.20
CA ILE A 384 -21.37 4.07 -7.13
C ILE A 384 -20.04 4.39 -6.43
N ALA A 385 -20.01 4.14 -5.13
CA ALA A 385 -18.82 4.33 -4.31
C ALA A 385 -17.85 3.16 -4.46
N TRP A 386 -18.35 1.99 -4.83
CA TRP A 386 -17.48 0.80 -5.02
C TRP A 386 -18.27 -0.36 -5.62
N PHE A 387 -17.57 -1.39 -6.09
CA PHE A 387 -18.26 -2.54 -6.67
C PHE A 387 -17.38 -3.75 -6.42
N LEU A 388 -18.00 -4.84 -5.97
CA LEU A 388 -17.29 -6.08 -5.69
C LEU A 388 -17.90 -7.20 -6.54
N VAL A 389 -17.07 -8.01 -7.21
CA VAL A 389 -17.55 -9.22 -7.86
C VAL A 389 -16.81 -10.34 -7.14
N THR A 390 -17.51 -11.43 -6.82
CA THR A 390 -16.94 -12.46 -6.00
C THR A 390 -17.72 -13.75 -6.12
N SER A 391 -17.16 -14.82 -5.54
CA SER A 391 -17.85 -16.10 -5.51
C SER A 391 -18.71 -16.19 -4.24
N ALA A 392 -18.58 -15.24 -3.32
CA ALA A 392 -19.37 -15.29 -2.08
C ALA A 392 -20.84 -14.94 -2.26
N ASN A 393 -21.70 -15.88 -1.84
CA ASN A 393 -23.14 -15.76 -1.84
C ASN A 393 -23.57 -15.15 -0.52
N LEU A 394 -24.87 -15.04 -0.29
CA LEU A 394 -25.37 -14.47 0.95
C LEU A 394 -25.44 -15.49 2.07
N SER A 395 -24.34 -15.69 2.77
CA SER A 395 -24.34 -16.67 3.84
C SER A 395 -23.16 -16.48 4.80
N LYS A 396 -23.33 -16.94 6.03
CA LYS A 396 -22.31 -16.76 7.05
C LYS A 396 -21.10 -17.60 6.71
N ALA A 397 -21.36 -18.71 6.05
CA ALA A 397 -20.30 -19.64 5.66
C ALA A 397 -19.27 -18.97 4.77
N ALA A 398 -19.75 -18.15 3.84
CA ALA A 398 -18.91 -17.42 2.89
C ALA A 398 -18.32 -16.14 3.50
N TRP A 399 -19.12 -15.42 4.27
CA TRP A 399 -18.72 -14.09 4.72
C TRP A 399 -18.18 -14.02 6.13
N GLY A 400 -18.52 -15.00 6.94
CA GLY A 400 -18.05 -15.01 8.30
C GLY A 400 -19.13 -14.54 9.26
N ALA A 401 -19.01 -15.06 10.48
CA ALA A 401 -19.94 -14.78 11.54
C ALA A 401 -19.13 -14.64 12.81
N LEU A 402 -19.44 -13.63 13.60
CA LEU A 402 -18.71 -13.37 14.83
C LEU A 402 -19.06 -14.39 15.90
N GLU A 403 -18.06 -14.78 16.67
CA GLU A 403 -18.23 -15.73 17.77
C GLU A 403 -17.60 -15.19 19.06
N THR A 407 -13.33 -11.83 21.01
CA THR A 407 -14.28 -12.29 19.97
C THR A 407 -13.53 -12.82 18.74
N GLN A 408 -14.23 -13.59 17.91
CA GLN A 408 -13.61 -14.21 16.75
C GLN A 408 -14.56 -14.30 15.57
N LEU A 409 -13.99 -14.31 14.38
CA LEU A 409 -14.79 -14.39 13.16
C LEU A 409 -14.67 -15.80 12.63
N MET A 410 -15.80 -16.47 12.46
CA MET A 410 -15.74 -17.83 11.94
C MET A 410 -16.17 -17.95 10.48
N ILE A 411 -15.26 -18.47 9.66
CA ILE A 411 -15.51 -18.66 8.24
C ILE A 411 -15.38 -20.13 7.87
N ARG A 412 -16.35 -20.67 7.15
CA ARG A 412 -16.36 -22.06 6.72
C ARG A 412 -15.72 -22.35 5.37
N SER A 413 -15.71 -21.38 4.48
CA SER A 413 -15.31 -21.66 3.12
C SER A 413 -14.21 -20.80 2.54
N TYR A 414 -13.70 -21.25 1.40
CA TYR A 414 -12.81 -20.48 0.58
C TYR A 414 -13.69 -19.75 -0.42
N GLU A 415 -13.50 -18.43 -0.53
CA GLU A 415 -14.20 -17.57 -1.49
C GLU A 415 -13.19 -16.53 -1.94
N LEU A 416 -13.47 -15.91 -3.06
CA LEU A 416 -12.51 -14.93 -3.56
C LEU A 416 -13.19 -13.96 -4.48
N GLY A 417 -12.87 -12.68 -4.33
CA GLY A 417 -13.45 -11.67 -5.20
C GLY A 417 -12.50 -10.49 -5.34
N VAL A 418 -12.86 -9.54 -6.19
CA VAL A 418 -12.03 -8.36 -6.37
C VAL A 418 -12.93 -7.14 -6.22
N LEU A 419 -12.39 -6.14 -5.54
CA LEU A 419 -13.11 -4.92 -5.22
C LEU A 419 -12.59 -3.77 -6.06
N PHE A 420 -13.50 -3.05 -6.71
CA PHE A 420 -13.16 -1.92 -7.55
C PHE A 420 -13.45 -0.67 -6.74
N LEU A 421 -12.40 0.05 -6.35
CA LEU A 421 -12.52 1.30 -5.59
C LEU A 421 -12.11 2.50 -6.42
N PRO A 422 -12.94 3.54 -6.47
CA PRO A 422 -12.60 4.77 -7.20
C PRO A 422 -11.19 5.31 -6.85
N SER A 423 -10.81 5.24 -5.58
CA SER A 423 -9.51 5.75 -5.17
C SER A 423 -8.33 5.05 -5.86
N ALA A 424 -8.53 3.80 -6.28
CA ALA A 424 -7.44 3.07 -6.95
C ALA A 424 -7.19 3.63 -8.34
N LEU A 425 -8.18 4.34 -8.86
CA LEU A 425 -8.08 4.99 -10.16
C LEU A 425 -7.96 6.51 -9.99
N GLY A 426 -7.83 6.96 -8.74
CA GLY A 426 -7.71 8.38 -8.48
C GLY A 426 -9.03 9.11 -8.61
N LEU A 427 -10.14 8.37 -8.51
CA LEU A 427 -11.48 8.96 -8.57
C LEU A 427 -12.18 8.91 -7.23
N ASP A 428 -13.31 9.62 -7.11
CA ASP A 428 -14.08 9.51 -5.87
C ASP A 428 -15.31 8.65 -6.04
N SER A 429 -15.73 8.47 -7.29
CA SER A 429 -16.87 7.64 -7.58
C SER A 429 -16.78 7.16 -8.99
N PHE A 430 -17.60 6.17 -9.33
CA PHE A 430 -17.69 5.72 -10.71
C PHE A 430 -19.08 6.07 -11.17
N LYS A 431 -19.21 6.57 -12.40
CA LYS A 431 -20.53 6.76 -12.98
C LYS A 431 -20.95 5.39 -13.49
N VAL A 432 -22.23 5.11 -13.37
CA VAL A 432 -22.74 3.84 -13.82
C VAL A 432 -22.88 3.87 -15.32
N LYS A 433 -22.37 2.84 -16.00
CA LYS A 433 -22.55 2.79 -17.43
C LYS A 433 -24.03 2.48 -17.72
N GLN A 434 -24.69 3.33 -18.50
CA GLN A 434 -26.13 3.17 -18.72
C GLN A 434 -26.46 1.91 -19.50
N LYS A 435 -25.77 1.73 -20.62
CA LYS A 435 -25.88 0.51 -21.41
C LYS A 435 -24.58 -0.27 -21.18
N PHE A 436 -24.69 -1.52 -20.74
CA PHE A 436 -23.50 -2.32 -20.39
C PHE A 436 -22.38 -2.31 -21.46
N ALA A 445 -13.97 5.22 -17.07
CA ALA A 445 -14.42 5.69 -15.73
C ALA A 445 -15.85 5.30 -15.41
N THR A 446 -16.60 4.80 -16.38
CA THR A 446 -17.97 4.42 -16.03
C THR A 446 -18.06 2.91 -15.85
N PHE A 447 -18.58 2.50 -14.71
CA PHE A 447 -18.57 1.11 -14.35
C PHE A 447 -19.71 0.31 -14.96
N PRO A 448 -19.37 -0.80 -15.59
CA PRO A 448 -20.38 -1.66 -16.23
C PRO A 448 -21.19 -2.53 -15.27
N VAL A 449 -22.19 -1.95 -14.62
CA VAL A 449 -23.08 -2.74 -13.76
C VAL A 449 -23.89 -3.62 -14.70
N PRO A 450 -23.88 -4.94 -14.47
CA PRO A 450 -24.51 -5.87 -15.42
C PRO A 450 -26.03 -6.08 -15.34
N TYR A 451 -26.66 -5.57 -14.29
CA TYR A 451 -28.12 -5.64 -14.17
C TYR A 451 -28.68 -4.23 -14.06
N ASP A 452 -30.01 -4.17 -14.15
CA ASP A 452 -30.75 -2.92 -14.21
C ASP A 452 -30.96 -2.22 -12.87
N LEU A 453 -30.95 -0.90 -12.88
CA LEU A 453 -31.18 -0.13 -11.68
C LEU A 453 -32.26 0.89 -12.02
N PRO A 454 -33.06 1.27 -11.03
CA PRO A 454 -32.93 0.74 -9.67
C PRO A 454 -33.44 -0.71 -9.62
N PRO A 455 -33.13 -1.45 -8.57
CA PRO A 455 -33.69 -2.81 -8.41
C PRO A 455 -35.23 -2.76 -8.27
N GLU A 456 -35.92 -3.78 -8.76
CA GLU A 456 -37.39 -3.88 -8.69
C GLU A 456 -37.82 -4.91 -7.62
N LEU A 457 -38.63 -4.44 -6.69
CA LEU A 457 -39.11 -5.29 -5.61
C LEU A 457 -39.94 -6.47 -6.14
N TYR A 458 -39.93 -7.59 -5.42
CA TYR A 458 -40.85 -8.67 -5.78
C TYR A 458 -42.27 -8.14 -5.68
N GLY A 459 -43.13 -8.54 -6.62
CA GLY A 459 -44.55 -8.23 -6.54
C GLY A 459 -45.15 -9.07 -5.41
N SER A 460 -46.42 -8.84 -5.09
CA SER A 460 -47.08 -9.50 -3.98
C SER A 460 -47.24 -10.99 -4.22
N LYS A 461 -47.30 -11.37 -5.50
CA LYS A 461 -47.47 -12.78 -5.86
C LYS A 461 -46.13 -13.49 -6.17
N ASP A 462 -45.02 -12.76 -6.10
CA ASP A 462 -43.72 -13.39 -6.36
C ASP A 462 -43.19 -14.16 -5.16
N ARG A 463 -42.37 -15.17 -5.44
CA ARG A 463 -41.71 -15.97 -4.42
C ARG A 463 -40.26 -16.14 -4.83
N PRO A 464 -39.39 -16.25 -3.86
CA PRO A 464 -37.97 -16.51 -4.14
C PRO A 464 -37.86 -17.91 -4.70
N TRP A 465 -36.94 -18.11 -5.64
CA TRP A 465 -36.74 -19.45 -6.14
C TRP A 465 -36.20 -20.35 -5.03
N ILE A 466 -36.91 -21.44 -4.77
CA ILE A 466 -36.48 -22.47 -3.82
C ILE A 466 -36.36 -23.76 -4.63
N TRP A 467 -35.18 -24.36 -4.62
CA TRP A 467 -34.89 -25.42 -5.57
C TRP A 467 -35.43 -26.81 -5.25
N ASN A 468 -35.82 -27.06 -4.01
CA ASN A 468 -36.24 -28.41 -3.68
C ASN A 468 -37.71 -28.59 -3.40
N ILE A 469 -38.54 -27.76 -4.02
CA ILE A 469 -39.98 -27.92 -4.01
C ILE A 469 -40.43 -27.96 -5.46
N PRO A 470 -41.58 -28.54 -5.71
CA PRO A 470 -42.06 -28.72 -7.08
C PRO A 470 -42.79 -27.49 -7.59
N TYR A 471 -42.71 -27.25 -8.89
CA TYR A 471 -43.48 -26.19 -9.49
C TYR A 471 -44.25 -26.86 -10.59
N VAL A 472 -45.55 -26.97 -10.40
CA VAL A 472 -46.39 -27.70 -11.34
C VAL A 472 -47.62 -26.97 -11.89
N LYS A 473 -47.89 -25.73 -11.46
CA LYS A 473 -49.06 -24.98 -11.95
C LYS A 473 -48.84 -24.32 -13.31
N ALA A 474 -47.58 -23.99 -13.60
CA ALA A 474 -47.25 -23.33 -14.84
C ALA A 474 -45.99 -23.94 -15.42
N PRO A 475 -46.07 -24.35 -16.68
CA PRO A 475 -44.91 -24.92 -17.37
C PRO A 475 -43.89 -23.84 -17.66
N ASP A 476 -42.65 -24.22 -17.91
CA ASP A 476 -41.61 -23.23 -18.13
C ASP A 476 -41.42 -22.96 -19.61
N THR A 477 -40.33 -22.24 -19.92
CA THR A 477 -39.95 -21.90 -21.28
C THR A 477 -39.97 -23.09 -22.22
N HIS A 478 -39.70 -24.27 -21.66
CA HIS A 478 -39.62 -25.46 -22.49
C HIS A 478 -40.83 -26.38 -22.38
N GLY A 479 -41.90 -25.91 -21.74
CA GLY A 479 -43.13 -26.67 -21.60
C GLY A 479 -43.07 -27.68 -20.47
N ASN A 480 -42.06 -27.56 -19.60
CA ASN A 480 -41.84 -28.55 -18.55
C ASN A 480 -42.25 -28.08 -17.17
N MET A 481 -42.36 -29.04 -16.26
CA MET A 481 -42.64 -28.74 -14.88
C MET A 481 -41.35 -29.10 -14.16
N TRP A 482 -41.29 -28.75 -12.89
CA TRP A 482 -40.12 -29.01 -12.08
C TRP A 482 -40.52 -29.87 -10.90
N VAL A 483 -40.01 -31.09 -10.86
CA VAL A 483 -40.37 -31.99 -9.78
C VAL A 483 -39.11 -32.63 -9.22
N PRO A 484 -38.59 -32.05 -8.16
CA PRO A 484 -37.39 -32.59 -7.53
C PRO A 484 -37.82 -33.86 -6.81
N SER A 485 -36.92 -34.82 -6.67
CA SER A 485 -37.26 -36.09 -6.02
C SER A 485 -36.96 -37.23 -6.99
N LEU B 35 24.62 10.50 -11.36
CA LEU B 35 23.70 9.43 -10.84
C LEU B 35 24.18 8.01 -11.15
N ASP B 36 23.67 7.06 -10.37
CA ASP B 36 24.00 5.66 -10.55
C ASP B 36 22.74 4.94 -11.05
N LYS B 37 22.72 4.69 -12.37
CA LYS B 37 21.57 4.19 -13.14
C LYS B 37 20.46 3.33 -12.50
N GLY B 38 20.77 2.08 -12.19
CA GLY B 38 19.76 1.18 -11.65
C GLY B 38 19.91 0.87 -10.18
N ASN B 39 20.59 1.77 -9.46
CA ASN B 39 20.80 1.63 -8.03
C ASN B 39 19.45 1.86 -7.36
N PRO B 40 19.00 0.89 -6.56
CA PRO B 40 17.64 0.97 -6.01
C PRO B 40 17.54 2.02 -4.91
N PHE B 41 18.64 2.40 -4.29
CA PHE B 41 18.54 3.32 -3.17
C PHE B 41 18.52 4.79 -3.52
N GLN B 42 19.36 5.22 -4.45
CA GLN B 42 19.43 6.63 -4.81
C GLN B 42 19.71 7.48 -3.56
N PHE B 43 20.57 6.99 -2.68
CA PHE B 43 20.98 7.69 -1.48
C PHE B 43 22.36 8.25 -1.73
N TYR B 44 22.53 9.55 -1.58
CA TYR B 44 23.84 10.14 -1.90
C TYR B 44 24.32 11.04 -0.77
N LEU B 45 25.62 11.32 -0.77
CA LEU B 45 26.17 12.29 0.18
C LEU B 45 26.52 13.53 -0.61
N THR B 46 26.64 14.67 0.05
CA THR B 46 26.98 15.90 -0.64
C THR B 46 28.49 15.90 -0.83
N ARG B 47 28.94 16.70 -1.78
CA ARG B 47 30.34 16.82 -2.06
C ARG B 47 31.03 17.49 -0.87
N VAL B 48 32.24 17.03 -0.54
CA VAL B 48 33.04 17.65 0.51
C VAL B 48 34.37 18.24 -0.03
N SER B 49 34.60 19.53 0.17
CA SER B 49 35.85 20.14 -0.31
C SER B 49 37.00 19.69 0.55
N GLY B 50 38.03 19.17 -0.07
CA GLY B 50 39.21 18.80 0.70
C GLY B 50 39.42 17.30 0.77
N VAL B 51 38.44 16.51 0.36
CA VAL B 51 38.65 15.07 0.38
C VAL B 51 39.17 14.61 -0.98
N LYS B 52 39.77 13.43 -1.02
CA LYS B 52 40.26 12.89 -2.29
C LYS B 52 39.10 12.65 -3.26
N PRO B 53 39.39 12.94 -4.53
CA PRO B 53 38.43 12.76 -5.62
C PRO B 53 37.61 11.49 -5.54
N LYS B 54 38.21 10.40 -5.09
CA LYS B 54 37.48 9.13 -5.04
C LYS B 54 36.31 9.17 -4.05
N TYR B 55 36.35 10.12 -3.13
CA TYR B 55 35.29 10.26 -2.13
C TYR B 55 34.21 11.25 -2.58
N ASN B 56 34.44 11.93 -3.70
CA ASN B 56 33.47 12.86 -4.28
C ASN B 56 32.89 12.38 -5.60
N SER B 57 33.46 11.33 -6.17
CA SER B 57 33.04 10.90 -7.50
C SER B 57 31.53 10.53 -7.53
N GLY B 58 31.08 9.77 -6.54
CA GLY B 58 29.67 9.45 -6.48
C GLY B 58 28.84 10.38 -5.57
N ALA B 59 29.34 11.59 -5.27
CA ALA B 59 28.62 12.54 -4.41
C ALA B 59 27.97 13.66 -5.22
N LEU B 60 27.07 14.42 -4.61
CA LEU B 60 26.37 15.49 -5.31
C LEU B 60 26.43 16.82 -4.61
N HIS B 61 26.71 17.87 -5.37
CA HIS B 61 26.65 19.21 -4.87
C HIS B 61 25.29 19.74 -5.30
N ILE B 62 24.85 20.84 -4.69
CA ILE B 62 23.55 21.40 -5.05
C ILE B 62 23.51 21.82 -6.54
N LYS B 63 24.64 22.30 -7.05
CA LYS B 63 24.73 22.62 -8.46
C LYS B 63 24.46 21.43 -9.36
N ASP B 64 24.92 20.23 -8.96
CA ASP B 64 24.65 19.01 -9.73
C ASP B 64 23.16 18.71 -9.70
N ILE B 65 22.54 18.84 -8.54
CA ILE B 65 21.13 18.52 -8.41
C ILE B 65 20.26 19.40 -9.28
N LEU B 66 20.62 20.68 -9.35
CA LEU B 66 19.86 21.68 -10.11
C LEU B 66 20.25 21.77 -11.61
N SER B 67 21.18 20.91 -12.03
CA SER B 67 21.68 20.90 -13.41
C SER B 67 20.63 20.53 -14.49
N PRO B 68 20.76 21.13 -15.68
CA PRO B 68 19.87 20.79 -16.81
C PRO B 68 19.92 19.29 -17.06
N LEU B 69 21.01 18.63 -16.69
CA LEU B 69 21.08 17.21 -16.92
C LEU B 69 20.00 16.45 -16.17
N PHE B 70 19.53 17.02 -15.06
CA PHE B 70 18.50 16.37 -14.26
C PHE B 70 17.13 16.63 -14.81
N GLY B 71 17.02 17.67 -15.61
CA GLY B 71 15.73 18.01 -16.20
C GLY B 71 15.67 19.46 -16.58
N THR B 72 14.65 19.81 -17.37
CA THR B 72 14.48 21.18 -17.80
C THR B 72 13.54 21.86 -16.83
N LEU B 73 14.14 22.64 -15.92
CA LEU B 73 13.38 23.26 -14.86
C LEU B 73 12.33 24.26 -15.33
N VAL B 74 11.13 24.09 -14.82
CA VAL B 74 10.03 24.99 -15.07
C VAL B 74 9.76 25.80 -13.82
N SER B 75 9.80 25.16 -12.67
CA SER B 75 9.49 25.85 -11.42
C SER B 75 10.03 24.98 -10.31
N SER B 76 10.20 25.54 -9.11
CA SER B 76 10.73 24.72 -7.99
C SER B 76 10.28 25.24 -6.66
N ALA B 77 10.24 24.36 -5.65
CA ALA B 77 9.92 24.80 -4.29
C ALA B 77 11.06 24.32 -3.40
N GLN B 78 11.53 25.17 -2.49
CA GLN B 78 12.64 24.84 -1.61
C GLN B 78 12.15 24.93 -0.18
N PHE B 79 11.97 23.77 0.45
CA PHE B 79 11.52 23.70 1.84
C PHE B 79 12.82 23.65 2.62
N ASN B 80 12.98 24.55 3.56
CA ASN B 80 14.20 24.53 4.31
C ASN B 80 14.07 25.27 5.62
N TYR B 81 15.16 25.32 6.37
CA TYR B 81 15.17 26.01 7.65
C TYR B 81 15.91 27.35 7.51
N CYS B 82 17.16 27.31 7.09
CA CYS B 82 17.96 28.52 6.91
C CYS B 82 18.29 28.73 5.44
N PHE B 83 18.19 29.98 4.99
CA PHE B 83 18.40 30.32 3.59
C PHE B 83 19.34 31.50 3.45
N ASP B 84 20.22 31.42 2.46
CA ASP B 84 21.02 32.54 2.05
C ASP B 84 20.56 32.65 0.60
N VAL B 85 19.66 33.60 0.34
CA VAL B 85 19.01 33.70 -0.97
C VAL B 85 19.98 34.03 -2.11
N ASP B 86 20.85 35.02 -1.89
CA ASP B 86 21.86 35.33 -2.91
C ASP B 86 22.64 34.07 -3.27
N TRP B 87 23.10 33.33 -2.27
CA TRP B 87 23.81 32.10 -2.58
C TRP B 87 22.92 31.09 -3.35
N LEU B 88 21.70 30.92 -2.88
CA LEU B 88 20.82 29.90 -3.44
C LEU B 88 20.57 30.09 -4.94
N VAL B 89 20.24 31.33 -5.33
CA VAL B 89 19.97 31.61 -6.75
C VAL B 89 21.18 31.30 -7.61
N LYS B 90 22.37 31.58 -7.07
CA LYS B 90 23.62 31.27 -7.74
C LYS B 90 23.81 29.77 -7.96
N GLN B 91 23.25 28.90 -7.11
CA GLN B 91 23.37 27.45 -7.34
C GLN B 91 22.52 26.96 -8.56
N TYR B 92 21.48 27.68 -8.92
CA TYR B 92 20.67 27.30 -10.10
C TYR B 92 21.49 27.64 -11.34
N PRO B 93 21.34 26.87 -12.42
CA PRO B 93 22.04 27.19 -13.67
C PRO B 93 21.53 28.53 -14.18
N PRO B 94 22.43 29.32 -14.76
CA PRO B 94 22.06 30.65 -15.28
C PRO B 94 20.74 30.63 -16.07
N GLU B 95 20.54 29.65 -16.94
CA GLU B 95 19.31 29.63 -17.73
C GLU B 95 18.07 29.33 -16.90
N PHE B 96 18.23 28.87 -15.66
CA PHE B 96 17.03 28.59 -14.88
C PHE B 96 16.80 29.58 -13.76
N ARG B 97 17.67 30.58 -13.61
CA ARG B 97 17.61 31.49 -12.45
C ARG B 97 16.41 32.40 -12.38
N LYS B 98 15.66 32.52 -13.46
CA LYS B 98 14.51 33.36 -13.41
C LYS B 98 13.23 32.54 -13.35
N LYS B 99 13.35 31.22 -13.35
CA LYS B 99 12.16 30.39 -13.16
C LYS B 99 11.61 30.60 -11.74
N PRO B 100 10.30 30.47 -11.55
CA PRO B 100 9.73 30.69 -10.23
C PRO B 100 10.33 29.76 -9.17
N ILE B 101 10.62 30.35 -8.01
CA ILE B 101 11.08 29.60 -6.85
C ILE B 101 10.17 29.92 -5.67
N LEU B 102 9.67 28.90 -5.00
CA LEU B 102 8.94 29.11 -3.77
C LEU B 102 9.84 28.71 -2.57
N LEU B 103 10.02 29.60 -1.60
CA LEU B 103 10.79 29.28 -0.40
C LEU B 103 9.80 28.98 0.73
N VAL B 104 9.82 27.76 1.27
CA VAL B 104 8.91 27.39 2.35
C VAL B 104 9.75 27.39 3.61
N HIS B 105 9.43 28.29 4.55
CA HIS B 105 10.29 28.50 5.74
C HIS B 105 9.40 28.61 6.94
N GLY B 106 9.98 28.72 8.14
CA GLY B 106 9.14 28.89 9.31
C GLY B 106 9.41 30.21 10.06
N ASP B 107 10.17 31.11 9.46
CA ASP B 107 10.60 32.33 10.16
C ASP B 107 9.46 33.28 10.56
N LYS B 108 9.66 33.98 11.67
CA LYS B 108 8.67 34.92 12.16
C LYS B 108 9.32 36.23 12.49
N ARG B 109 8.47 37.23 12.68
CA ARG B 109 8.91 38.54 13.14
C ARG B 109 10.12 39.03 12.40
N GLU B 110 11.15 39.42 13.15
CA GLU B 110 12.35 40.01 12.57
C GLU B 110 13.04 39.09 11.59
N ALA B 111 13.14 37.82 11.96
CA ALA B 111 13.76 36.85 11.07
C ALA B 111 12.97 36.75 9.75
N LYS B 112 11.66 36.79 9.82
CA LYS B 112 10.86 36.77 8.60
C LYS B 112 11.13 38.01 7.74
N ALA B 113 11.16 39.16 8.39
CA ALA B 113 11.42 40.41 7.66
C ALA B 113 12.76 40.36 6.95
N HIS B 114 13.75 39.77 7.60
CA HIS B 114 15.05 39.64 6.95
C HIS B 114 15.03 38.74 5.73
N LEU B 115 14.30 37.63 5.82
CA LEU B 115 14.25 36.72 4.70
C LEU B 115 13.51 37.39 3.56
N HIS B 116 12.45 38.12 3.89
CA HIS B 116 11.73 38.86 2.86
C HIS B 116 12.68 39.88 2.22
N ALA B 117 13.51 40.53 3.03
CA ALA B 117 14.49 41.49 2.47
C ALA B 117 15.51 40.81 1.56
N GLN B 118 15.91 39.58 1.91
CA GLN B 118 16.85 38.82 1.08
C GLN B 118 16.23 38.49 -0.29
N ALA B 119 14.97 38.13 -0.30
CA ALA B 119 14.35 37.68 -1.54
C ALA B 119 13.82 38.82 -2.43
N LYS B 120 13.67 40.01 -1.86
CA LYS B 120 13.08 41.13 -2.60
C LYS B 120 13.66 41.48 -3.98
N PRO B 121 14.98 41.46 -4.15
CA PRO B 121 15.58 41.75 -5.46
C PRO B 121 15.23 40.75 -6.54
N TYR B 122 14.72 39.57 -6.16
CA TYR B 122 14.44 38.52 -7.11
C TYR B 122 12.95 38.34 -7.32
N GLU B 123 12.44 39.00 -8.36
CA GLU B 123 11.02 38.99 -8.67
C GLU B 123 10.40 37.58 -8.77
N ASN B 124 11.19 36.59 -9.18
CA ASN B 124 10.70 35.21 -9.34
C ASN B 124 10.53 34.42 -8.03
N ILE B 125 10.96 35.00 -6.92
CA ILE B 125 10.87 34.28 -5.65
C ILE B 125 9.63 34.62 -4.85
N SER B 126 8.93 33.58 -4.42
CA SER B 126 7.78 33.72 -3.57
C SER B 126 8.12 33.00 -2.29
N LEU B 127 7.40 33.36 -1.23
CA LEU B 127 7.67 32.83 0.10
C LEU B 127 6.40 32.28 0.71
N CYS B 128 6.56 31.17 1.43
CA CYS B 128 5.46 30.53 2.17
C CYS B 128 5.92 30.36 3.61
N GLN B 129 5.23 30.99 4.54
CA GLN B 129 5.53 30.88 5.97
C GLN B 129 4.72 29.72 6.55
N ALA B 130 5.38 28.64 6.91
CA ALA B 130 4.69 27.49 7.47
C ALA B 130 4.25 27.85 8.86
N LYS B 131 3.03 27.52 9.20
CA LYS B 131 2.56 27.87 10.53
C LYS B 131 3.25 27.00 11.60
N LEU B 132 3.66 27.66 12.68
CA LEU B 132 4.24 26.97 13.83
C LEU B 132 3.40 27.39 15.05
N ASP B 133 2.27 26.73 15.24
CA ASP B 133 1.33 27.17 16.28
C ASP B 133 1.60 26.56 17.65
N ILE B 134 2.63 25.72 17.72
CA ILE B 134 3.10 25.21 18.98
C ILE B 134 4.44 25.85 19.31
N ALA B 135 4.62 26.25 20.56
CA ALA B 135 5.85 26.91 20.98
C ALA B 135 7.15 26.13 20.73
N PHE B 136 8.19 26.85 20.39
CA PHE B 136 9.51 26.25 20.19
C PHE B 136 9.61 25.26 19.04
N GLY B 137 8.71 25.38 18.08
CA GLY B 137 8.78 24.53 16.90
C GLY B 137 9.66 25.17 15.86
N THR B 138 10.07 24.37 14.88
CA THR B 138 10.87 24.86 13.77
C THR B 138 10.42 24.20 12.49
N HIS B 139 10.50 24.92 11.38
CA HIS B 139 10.22 24.28 10.10
C HIS B 139 11.58 23.78 9.66
N HIS B 140 11.86 22.52 9.98
CA HIS B 140 13.19 21.95 9.78
C HIS B 140 13.34 21.03 8.53
N THR B 141 12.20 20.65 7.94
CA THR B 141 12.19 19.85 6.71
C THR B 141 13.08 20.43 5.58
N LYS B 142 13.89 19.57 4.96
CA LYS B 142 14.76 19.93 3.85
C LYS B 142 14.33 19.17 2.62
N MET B 143 13.65 19.85 1.70
CA MET B 143 13.09 19.15 0.54
C MET B 143 13.06 20.06 -0.68
N MET B 144 13.34 19.50 -1.84
CA MET B 144 13.15 20.27 -3.08
C MET B 144 12.09 19.60 -3.92
N LEU B 145 11.16 20.38 -4.47
CA LEU B 145 10.19 19.85 -5.43
C LEU B 145 10.66 20.50 -6.75
N LEU B 146 10.95 19.68 -7.76
CA LEU B 146 11.56 20.22 -8.98
C LEU B 146 10.65 19.84 -10.14
N LEU B 147 9.94 20.83 -10.67
CA LEU B 147 9.06 20.61 -11.81
C LEU B 147 9.83 20.88 -13.11
N TYR B 148 9.81 19.91 -14.00
CA TYR B 148 10.49 20.00 -15.26
C TYR B 148 9.51 19.88 -16.43
N GLU B 149 10.03 20.08 -17.63
CA GLU B 149 9.27 19.91 -18.86
C GLU B 149 8.97 18.43 -19.00
N GLU B 150 9.95 17.64 -18.58
CA GLU B 150 9.95 16.20 -18.74
C GLU B 150 9.25 15.44 -17.61
N GLY B 151 9.02 16.08 -16.48
CA GLY B 151 8.45 15.38 -15.34
C GLY B 151 8.58 16.13 -14.04
N LEU B 152 8.61 15.38 -12.94
CA LEU B 152 8.72 15.95 -11.61
C LEU B 152 9.77 15.14 -10.82
N ARG B 153 10.59 15.85 -10.07
CA ARG B 153 11.51 15.20 -9.12
C ARG B 153 11.30 15.71 -7.70
N VAL B 154 11.46 14.81 -6.72
CA VAL B 154 11.39 15.16 -5.31
C VAL B 154 12.75 14.84 -4.70
N VAL B 155 13.31 15.79 -3.96
CA VAL B 155 14.60 15.60 -3.32
C VAL B 155 14.42 15.78 -1.82
N ILE B 156 14.74 14.75 -1.04
CA ILE B 156 14.65 14.91 0.41
C ILE B 156 16.05 14.80 0.97
N HIS B 157 16.48 15.81 1.72
CA HIS B 157 17.86 15.86 2.17
C HIS B 157 18.05 16.44 3.58
N THR B 158 19.28 16.81 3.94
CA THR B 158 19.56 17.27 5.31
C THR B 158 20.26 18.63 5.42
N SER B 159 20.48 19.27 4.28
CA SER B 159 21.28 20.51 4.27
C SER B 159 20.46 21.79 4.24
N ASN B 160 20.88 22.78 5.02
CA ASN B 160 20.32 24.11 4.91
C ASN B 160 20.78 24.73 3.57
N LEU B 161 20.09 25.76 3.08
CA LEU B 161 20.48 26.35 1.83
C LEU B 161 21.46 27.50 2.07
N ILE B 162 22.62 27.15 2.64
CA ILE B 162 23.71 28.10 2.90
C ILE B 162 25.00 27.41 2.49
N HIS B 163 25.99 28.21 2.09
CA HIS B 163 27.26 27.66 1.60
C HIS B 163 27.88 26.63 2.54
N ALA B 164 27.95 26.95 3.81
CA ALA B 164 28.61 26.05 4.77
C ALA B 164 28.02 24.65 4.84
N ASP B 165 26.72 24.51 4.60
CA ASP B 165 26.13 23.17 4.69
C ASP B 165 26.48 22.24 3.54
N TRP B 166 27.04 22.80 2.46
CA TRP B 166 27.36 21.99 1.29
C TRP B 166 28.86 22.01 1.04
N HIS B 167 29.61 22.55 1.98
CA HIS B 167 31.03 22.73 1.80
C HIS B 167 31.87 21.58 2.39
N GLN B 168 31.88 21.44 3.71
CA GLN B 168 32.71 20.39 4.32
C GLN B 168 31.99 19.51 5.35
N LYS B 169 30.68 19.32 5.21
CA LYS B 169 29.91 18.52 6.17
C LYS B 169 29.50 17.19 5.57
N THR B 170 29.16 16.21 6.40
CA THR B 170 28.55 15.00 5.83
C THR B 170 27.04 15.24 5.85
N GLN B 171 26.44 15.31 4.66
CA GLN B 171 24.98 15.50 4.51
C GLN B 171 24.45 14.35 3.66
N GLY B 172 23.15 14.02 3.82
CA GLY B 172 22.48 12.99 3.03
C GLY B 172 21.41 13.54 2.07
N ILE B 173 21.24 12.84 0.95
CA ILE B 173 20.28 13.21 -0.07
C ILE B 173 19.58 11.97 -0.59
N TRP B 174 18.25 12.01 -0.65
CA TRP B 174 17.50 10.96 -1.35
C TRP B 174 16.96 11.61 -2.63
N LEU B 175 17.20 10.99 -3.79
CA LEU B 175 16.67 11.50 -5.06
C LEU B 175 15.61 10.58 -5.63
N SER B 176 14.40 11.11 -5.82
CA SER B 176 13.34 10.37 -6.45
C SER B 176 13.69 10.13 -7.92
N PRO B 177 13.00 9.16 -8.52
CA PRO B 177 13.10 8.94 -9.96
C PRO B 177 12.48 10.14 -10.65
N LEU B 178 12.70 10.30 -11.95
CA LEU B 178 11.99 11.33 -12.69
C LEU B 178 10.56 10.81 -12.85
N TYR B 179 9.59 11.49 -12.27
CA TYR B 179 8.22 11.03 -12.33
C TYR B 179 7.55 11.61 -13.59
N PRO B 180 6.99 10.76 -14.45
CA PRO B 180 6.35 11.31 -15.66
C PRO B 180 4.96 11.85 -15.35
N ARG B 181 4.47 12.72 -16.20
CA ARG B 181 3.12 13.25 -16.09
C ARG B 181 2.12 12.15 -16.49
N ILE B 182 1.00 12.03 -15.78
CA ILE B 182 0.02 11.02 -16.14
C ILE B 182 -0.75 11.41 -17.41
N ALA B 183 -0.85 10.46 -18.33
CA ALA B 183 -1.53 10.67 -19.60
C ALA B 183 -2.99 11.02 -19.38
N ASP B 184 -3.39 12.21 -19.84
CA ASP B 184 -4.79 12.59 -19.79
C ASP B 184 -5.60 11.49 -20.45
N GLY B 185 -6.76 11.19 -19.89
CA GLY B 185 -7.58 10.12 -20.44
C GLY B 185 -7.39 8.90 -19.58
N THR B 186 -6.15 8.64 -19.18
CA THR B 186 -5.88 7.48 -18.35
C THR B 186 -6.53 7.70 -16.99
N HIS B 187 -6.81 6.60 -16.31
CA HIS B 187 -7.47 6.65 -15.02
C HIS B 187 -6.52 5.91 -14.11
N LYS B 188 -5.45 6.57 -13.72
CA LYS B 188 -4.53 5.90 -12.82
C LYS B 188 -4.22 6.75 -11.61
N SER B 189 -3.94 6.06 -10.51
CA SER B 189 -3.64 6.73 -9.26
C SER B 189 -2.29 7.40 -9.32
N GLY B 190 -1.38 6.79 -10.07
CA GLY B 190 0.02 7.20 -10.06
C GLY B 190 0.63 6.87 -8.69
N GLU B 191 -0.02 5.97 -7.95
CA GLU B 191 0.44 5.63 -6.58
C GLU B 191 1.46 4.48 -6.54
N SER B 192 2.33 4.47 -5.53
CA SER B 192 3.29 3.38 -5.38
C SER B 192 2.86 2.43 -4.27
N PRO B 193 3.39 1.20 -4.23
CA PRO B 193 3.07 0.28 -3.14
C PRO B 193 3.40 0.85 -1.75
N THR B 194 4.30 1.82 -1.67
CA THR B 194 4.64 2.40 -0.37
C THR B 194 3.73 3.59 -0.02
N HIS B 195 2.81 3.94 -0.92
CA HIS B 195 1.83 5.02 -0.73
C HIS B 195 2.48 6.40 -0.65
N PHE B 196 3.64 6.52 -1.26
CA PHE B 196 4.42 7.74 -1.22
C PHE B 196 3.69 8.96 -1.71
N LYS B 197 2.91 8.80 -2.77
CA LYS B 197 2.21 9.93 -3.37
C LYS B 197 1.15 10.49 -2.43
N ALA B 198 0.29 9.62 -1.91
CA ALA B 198 -0.71 10.03 -0.92
C ALA B 198 -0.06 10.61 0.34
N ASN B 199 0.99 9.96 0.81
CA ASN B 199 1.68 10.40 2.02
C ASN B 199 2.32 11.78 1.84
N LEU B 200 2.90 12.04 0.66
CA LEU B 200 3.52 13.34 0.38
C LEU B 200 2.43 14.40 0.26
N ILE B 201 1.32 14.03 -0.37
CA ILE B 201 0.23 14.99 -0.47
C ILE B 201 -0.30 15.32 0.93
N SER B 202 -0.42 14.31 1.80
CA SER B 202 -0.90 14.54 3.18
C SER B 202 0.05 15.48 3.93
N TYR B 203 1.35 15.22 3.81
CA TYR B 203 2.34 16.08 4.42
C TYR B 203 2.14 17.54 4.00
N LEU B 204 1.99 17.76 2.68
CA LEU B 204 1.81 19.11 2.18
C LEU B 204 0.47 19.72 2.60
N THR B 205 -0.58 18.90 2.62
CA THR B 205 -1.90 19.39 3.03
C THR B 205 -1.90 19.98 4.44
N ALA B 206 -1.09 19.40 5.34
CA ALA B 206 -1.05 19.86 6.73
C ALA B 206 -0.52 21.29 6.86
N TYR B 207 0.09 21.82 5.81
CA TYR B 207 0.56 23.19 5.89
C TYR B 207 -0.62 24.13 5.69
N ASN B 208 -1.66 23.66 5.01
CA ASN B 208 -2.84 24.49 4.75
C ASN B 208 -2.45 25.78 4.05
N ALA B 209 -1.58 25.68 3.06
CA ALA B 209 -1.08 26.86 2.36
C ALA B 209 -1.50 26.95 0.89
N PRO B 210 -1.98 28.12 0.50
CA PRO B 210 -2.41 28.39 -0.88
C PRO B 210 -1.30 28.02 -1.84
N SER B 211 -0.06 28.47 -1.57
CA SER B 211 1.05 28.20 -2.48
C SER B 211 1.40 26.72 -2.57
N LEU B 212 1.11 25.95 -1.53
CA LEU B 212 1.41 24.53 -1.61
C LEU B 212 0.29 23.72 -2.26
N LYS B 213 -0.96 24.22 -2.21
CA LYS B 213 -2.06 23.56 -2.91
C LYS B 213 -1.69 23.44 -4.40
N GLU B 214 -1.02 24.47 -4.91
CA GLU B 214 -0.54 24.43 -6.28
C GLU B 214 0.45 23.27 -6.52
N TRP B 215 1.32 23.00 -5.55
CA TRP B 215 2.26 21.90 -5.67
C TRP B 215 1.58 20.54 -5.51
N ILE B 216 0.58 20.50 -4.65
CA ILE B 216 -0.23 19.31 -4.49
C ILE B 216 -0.91 18.95 -5.82
N ASP B 217 -1.47 19.95 -6.49
CA ASP B 217 -2.11 19.70 -7.77
C ASP B 217 -1.07 19.18 -8.78
N VAL B 218 0.14 19.72 -8.72
CA VAL B 218 1.22 19.24 -9.59
C VAL B 218 1.47 17.77 -9.31
N ILE B 219 1.63 17.43 -8.03
CA ILE B 219 1.91 16.05 -7.69
C ILE B 219 0.78 15.12 -8.13
N HIS B 220 -0.46 15.55 -7.96
CA HIS B 220 -1.61 14.74 -8.40
C HIS B 220 -1.47 14.31 -9.86
N LYS B 221 -0.93 15.22 -10.68
CA LYS B 221 -0.81 14.99 -12.12
C LYS B 221 0.35 14.09 -12.55
N HIS B 222 1.20 13.70 -11.60
CA HIS B 222 2.34 12.86 -11.95
C HIS B 222 2.22 11.42 -11.45
N ASP B 223 2.99 10.55 -12.08
CA ASP B 223 3.05 9.14 -11.75
C ASP B 223 4.24 8.86 -10.85
N LEU B 224 3.95 8.60 -9.59
CA LEU B 224 5.01 8.35 -8.63
C LEU B 224 5.08 6.89 -8.28
N SER B 225 4.48 6.05 -9.15
CA SER B 225 4.36 4.63 -8.86
C SER B 225 5.68 3.88 -8.64
N GLU B 226 6.78 4.38 -9.18
CA GLU B 226 8.04 3.68 -9.06
C GLU B 226 8.74 3.88 -7.70
N THR B 227 8.22 4.78 -6.89
CA THR B 227 8.85 5.11 -5.63
C THR B 227 9.00 3.87 -4.75
N ASN B 228 10.21 3.59 -4.27
CA ASN B 228 10.39 2.40 -3.41
C ASN B 228 10.77 2.71 -1.95
N VAL B 229 10.54 3.93 -1.52
CA VAL B 229 10.76 4.30 -0.14
C VAL B 229 9.46 4.75 0.52
N TYR B 230 9.46 4.75 1.85
CA TYR B 230 8.34 5.27 2.62
C TYR B 230 8.64 6.65 3.19
N LEU B 231 7.69 7.58 3.06
CA LEU B 231 7.84 8.91 3.61
C LEU B 231 7.59 8.93 5.13
N ILE B 232 8.50 9.51 5.87
CA ILE B 232 8.28 9.65 7.30
C ILE B 232 8.28 11.13 7.63
N GLY B 233 7.12 11.64 7.96
CA GLY B 233 7.09 13.06 8.24
C GLY B 233 6.73 13.38 9.67
N SER B 234 7.10 14.57 10.08
CA SER B 234 6.61 15.13 11.31
C SER B 234 6.01 16.48 10.93
N THR B 235 4.86 16.80 11.51
CA THR B 235 4.23 18.10 11.30
C THR B 235 3.66 18.57 12.67
N PRO B 236 3.60 19.88 12.94
CA PRO B 236 3.14 20.34 14.26
C PRO B 236 1.70 19.96 14.58
N GLY B 237 1.50 19.47 15.80
CA GLY B 237 0.15 19.22 16.26
C GLY B 237 0.02 18.28 17.42
N ARG B 238 -1.23 17.94 17.74
CA ARG B 238 -1.55 16.98 18.77
C ARG B 238 -2.42 15.96 18.11
N PHE B 239 -1.85 14.77 17.94
CA PHE B 239 -2.49 13.72 17.20
C PHE B 239 -3.00 12.61 18.10
N GLN B 240 -4.30 12.34 17.98
CA GLN B 240 -4.97 11.29 18.75
C GLN B 240 -5.65 10.31 17.81
N GLY B 241 -6.09 9.19 18.37
CA GLY B 241 -6.88 8.22 17.62
C GLY B 241 -6.05 7.64 16.48
N SER B 242 -6.65 7.58 15.30
CA SER B 242 -5.95 6.99 14.17
C SER B 242 -4.80 7.88 13.66
N GLN B 243 -5.01 9.19 13.77
CA GLN B 243 -4.01 10.18 13.34
C GLN B 243 -2.73 10.03 14.14
N LYS B 244 -2.81 9.31 15.25
CA LYS B 244 -1.66 9.10 16.10
C LYS B 244 -0.52 8.46 15.29
N ASP B 245 -0.87 7.62 14.33
CA ASP B 245 0.11 6.94 13.48
C ASP B 245 0.58 7.71 12.27
N ASN B 246 0.00 8.88 12.01
CA ASN B 246 0.37 9.67 10.84
C ASN B 246 1.78 10.23 10.84
N TRP B 247 2.27 10.61 12.01
CA TRP B 247 3.54 11.32 12.07
C TRP B 247 4.56 10.87 13.12
N GLY B 248 5.76 11.44 13.02
CA GLY B 248 6.80 11.23 14.01
C GLY B 248 7.16 9.80 14.31
N HIS B 249 7.52 9.51 15.55
CA HIS B 249 8.01 8.17 15.85
C HIS B 249 6.92 7.09 15.77
N PHE B 250 5.65 7.45 15.95
CA PHE B 250 4.56 6.51 15.77
C PHE B 250 4.36 6.11 14.28
N ARG B 251 4.64 7.06 13.36
CA ARG B 251 4.60 6.74 11.93
C ARG B 251 5.66 5.68 11.66
N LEU B 252 6.87 5.91 12.13
CA LEU B 252 7.91 4.90 12.00
C LEU B 252 7.46 3.57 12.60
N LYS B 253 6.95 3.60 13.83
CA LYS B 253 6.47 2.38 14.47
C LYS B 253 5.45 1.60 13.61
N LYS B 254 4.47 2.29 13.07
CA LYS B 254 3.44 1.66 12.25
C LYS B 254 4.03 0.97 11.00
N LEU B 255 4.94 1.66 10.31
CA LEU B 255 5.57 1.11 9.12
C LEU B 255 6.39 -0.13 9.47
N LEU B 256 7.11 -0.07 10.60
CA LEU B 256 7.93 -1.21 11.01
C LEU B 256 7.03 -2.40 11.40
N LYS B 257 5.92 -2.10 12.04
CA LYS B 257 4.97 -3.13 12.40
C LYS B 257 4.40 -3.76 11.12
N ASP B 258 3.99 -2.93 10.17
CA ASP B 258 3.33 -3.42 8.96
C ASP B 258 4.20 -4.05 7.86
N HIS B 259 5.44 -3.58 7.70
CA HIS B 259 6.25 -3.94 6.55
C HIS B 259 7.63 -4.49 6.84
N ALA B 260 7.88 -4.77 8.10
CA ALA B 260 9.12 -5.40 8.48
C ALA B 260 8.65 -6.58 9.26
N SER B 261 9.43 -7.64 9.30
CA SER B 261 9.01 -8.69 10.19
C SER B 261 10.10 -8.92 11.19
N SER B 262 9.80 -9.71 12.20
CA SER B 262 10.78 -9.94 13.24
C SER B 262 11.58 -11.19 12.94
N MET B 263 12.51 -11.51 13.82
CA MET B 263 13.39 -12.63 13.57
C MET B 263 13.76 -13.17 14.91
N PRO B 264 14.51 -14.27 14.95
CA PRO B 264 14.94 -14.80 16.23
C PRO B 264 16.17 -14.01 16.59
N ASN B 265 16.49 -13.94 17.86
CA ASN B 265 17.65 -13.16 18.27
C ASN B 265 17.53 -11.66 17.85
N ALA B 266 16.30 -11.25 17.51
CA ALA B 266 15.99 -9.83 17.20
C ALA B 266 16.34 -8.91 18.35
N GLU B 267 16.09 -9.38 19.56
CA GLU B 267 16.43 -8.62 20.75
C GLU B 267 17.91 -8.33 20.80
N SER B 268 18.68 -8.98 19.95
CA SER B 268 20.12 -8.77 19.88
C SER B 268 20.49 -7.77 18.77
N TRP B 269 19.54 -7.45 17.90
CA TRP B 269 19.79 -6.45 16.87
C TRP B 269 19.74 -5.03 17.47
N PRO B 270 20.87 -4.33 17.50
CA PRO B 270 20.90 -2.97 18.07
C PRO B 270 20.07 -1.97 17.27
N VAL B 271 19.84 -0.81 17.87
CA VAL B 271 19.24 0.34 17.21
C VAL B 271 20.36 1.39 17.20
N VAL B 272 20.54 2.09 16.10
CA VAL B 272 21.59 3.11 16.00
C VAL B 272 20.92 4.39 15.58
N GLY B 273 21.21 5.46 16.31
CA GLY B 273 20.70 6.77 15.99
C GLY B 273 21.91 7.68 15.82
N GLN B 274 21.87 8.52 14.80
CA GLN B 274 22.98 9.38 14.45
C GLN B 274 22.42 10.75 14.10
N PHE B 275 22.91 11.80 14.75
CA PHE B 275 22.27 13.12 14.58
C PHE B 275 23.22 14.23 14.88
N SER B 276 22.75 15.46 14.72
CA SER B 276 23.65 16.60 14.89
C SER B 276 23.16 17.56 15.96
N SER B 277 22.08 17.21 16.60
CA SER B 277 21.51 18.08 17.61
C SER B 277 20.73 17.24 18.60
N VAL B 278 20.69 17.67 19.86
CA VAL B 278 19.99 16.90 20.89
C VAL B 278 19.07 17.81 21.69
N GLY B 279 17.84 17.37 21.96
CA GLY B 279 16.93 18.17 22.75
C GLY B 279 16.91 17.72 24.22
N SER B 280 16.09 18.35 25.07
CA SER B 280 15.96 17.91 26.47
C SER B 280 15.15 16.67 26.46
N LEU B 281 15.79 15.57 26.84
CA LEU B 281 15.10 14.30 26.77
C LEU B 281 14.51 13.86 28.11
N GLY B 282 14.80 14.60 29.17
CA GLY B 282 14.27 14.23 30.48
C GLY B 282 15.32 13.86 31.51
N ALA B 283 14.87 13.78 32.76
CA ALA B 283 15.73 13.55 33.92
C ALA B 283 16.44 12.22 33.91
N ASP B 284 15.86 11.25 33.20
CA ASP B 284 16.47 9.95 33.06
C ASP B 284 15.95 9.33 31.75
N GLU B 285 16.48 8.18 31.37
CA GLU B 285 16.13 7.59 30.07
C GLU B 285 14.72 7.02 29.97
N SER B 286 14.14 6.71 31.13
CA SER B 286 12.79 6.18 31.19
C SER B 286 11.75 7.25 30.85
N LYS B 287 12.10 8.51 30.96
CA LYS B 287 11.15 9.56 30.62
C LYS B 287 10.74 9.55 29.10
N TRP B 288 11.67 9.30 28.17
CA TRP B 288 11.31 9.35 26.75
C TRP B 288 12.16 8.48 25.86
N LEU B 289 13.47 8.61 26.02
CA LEU B 289 14.42 7.90 25.19
C LEU B 289 14.14 6.41 25.14
N CYS B 290 14.27 5.75 26.28
CA CYS B 290 14.06 4.33 26.27
C CYS B 290 12.59 3.95 26.27
N SER B 291 11.73 4.75 26.90
CA SER B 291 10.34 4.37 26.95
C SER B 291 9.63 4.45 25.62
N GLU B 292 9.38 5.63 25.08
CA GLU B 292 8.62 5.68 23.84
C GLU B 292 9.45 5.70 22.55
N PHE B 293 10.53 6.44 22.52
CA PHE B 293 11.36 6.51 21.31
C PHE B 293 12.03 5.18 20.92
N LYS B 294 12.79 4.58 21.83
CA LYS B 294 13.42 3.30 21.51
C LYS B 294 12.36 2.23 21.26
N GLU B 295 11.26 2.28 22.01
CA GLU B 295 10.18 1.32 21.82
C GLU B 295 9.74 1.34 20.35
N SER B 296 9.56 2.54 19.80
CA SER B 296 9.13 2.65 18.42
C SER B 296 10.19 2.10 17.49
N MET B 297 11.43 2.51 17.70
CA MET B 297 12.49 2.03 16.83
C MET B 297 12.87 0.55 16.91
N LEU B 298 12.52 -0.14 17.98
CA LEU B 298 12.84 -1.56 18.03
C LEU B 298 11.67 -2.41 17.53
N THR B 299 10.61 -1.76 17.12
CA THR B 299 9.47 -2.49 16.58
C THR B 299 9.84 -3.25 15.31
N LEU B 300 9.35 -4.48 15.20
CA LEU B 300 9.48 -5.28 14.00
C LEU B 300 8.29 -6.23 13.91
N GLY B 301 7.47 -6.12 12.86
CA GLY B 301 6.34 -7.01 12.65
C GLY B 301 5.32 -6.92 13.77
N SER B 311 16.32 -5.76 26.22
CA SER B 311 17.80 -5.66 26.29
C SER B 311 18.44 -5.18 24.98
N VAL B 312 17.64 -4.57 24.13
CA VAL B 312 18.13 -4.07 22.85
C VAL B 312 19.10 -2.96 23.12
N PRO B 313 20.29 -3.13 22.61
CA PRO B 313 21.35 -2.13 22.75
C PRO B 313 20.97 -0.89 21.93
N LEU B 314 21.23 0.29 22.47
CA LEU B 314 21.00 1.53 21.77
C LEU B 314 22.32 2.29 21.66
N TYR B 315 22.71 2.58 20.42
CA TYR B 315 23.93 3.29 20.15
C TYR B 315 23.61 4.65 19.53
N LEU B 316 24.12 5.71 20.13
CA LEU B 316 23.87 7.04 19.60
C LEU B 316 25.19 7.63 19.16
N ILE B 317 25.22 8.11 17.91
CA ILE B 317 26.43 8.68 17.33
C ILE B 317 26.29 10.19 17.27
N TYR B 318 27.21 10.89 17.94
CA TYR B 318 27.19 12.35 17.99
C TYR B 318 28.62 12.81 18.27
N PRO B 319 29.11 13.78 17.52
CA PRO B 319 30.52 14.18 17.57
C PRO B 319 31.02 14.63 18.93
N SER B 320 32.20 14.14 19.28
CA SER B 320 32.87 14.53 20.51
C SER B 320 33.56 15.85 20.21
N VAL B 321 34.02 16.53 21.26
CA VAL B 321 34.77 17.77 21.10
C VAL B 321 36.00 17.52 20.22
N GLU B 322 36.67 16.39 20.42
CA GLU B 322 37.85 16.05 19.63
C GLU B 322 37.52 15.82 18.15
N ASN B 323 36.36 15.19 17.88
CA ASN B 323 35.91 15.05 16.49
C ASN B 323 35.83 16.46 15.87
N VAL B 324 35.27 17.40 16.62
CA VAL B 324 35.11 18.75 16.07
C VAL B 324 36.44 19.48 15.91
N ARG B 325 37.26 19.43 16.95
CA ARG B 325 38.56 20.11 16.89
C ARG B 325 39.35 19.69 15.65
N THR B 326 39.44 18.39 15.42
CA THR B 326 40.29 17.93 14.31
C THR B 326 39.61 17.89 12.95
N SER B 327 38.40 18.44 12.84
CA SER B 327 37.62 18.33 11.60
C SER B 327 38.16 19.28 10.53
N LEU B 328 37.68 19.12 9.30
CA LEU B 328 38.09 20.00 8.20
C LEU B 328 37.79 21.45 8.54
N GLU B 329 36.64 21.69 9.16
CA GLU B 329 36.22 23.05 9.52
C GLU B 329 36.84 23.56 10.81
N GLY B 330 37.28 22.65 11.66
CA GLY B 330 37.75 23.07 12.98
C GLY B 330 36.54 23.35 13.84
N TYR B 331 36.76 24.08 14.92
CA TYR B 331 35.68 24.41 15.86
C TYR B 331 34.42 25.01 15.24
N PRO B 332 34.54 25.86 14.23
CA PRO B 332 33.36 26.45 13.61
C PRO B 332 32.38 25.37 13.13
N ALA B 333 32.83 24.14 12.91
CA ALA B 333 31.87 23.08 12.55
C ALA B 333 30.83 23.01 13.68
N GLY B 334 31.29 23.34 14.88
CA GLY B 334 30.45 23.26 16.05
C GLY B 334 29.28 24.22 16.01
N GLY B 335 29.33 25.22 15.14
CA GLY B 335 28.22 26.14 15.02
C GLY B 335 26.98 25.45 14.47
N SER B 336 27.13 24.25 13.91
CA SER B 336 25.98 23.51 13.36
C SER B 336 25.73 22.21 14.12
N LEU B 337 26.24 22.16 15.34
CA LEU B 337 25.95 21.06 16.26
C LEU B 337 25.45 21.74 17.52
N PRO B 338 24.22 22.27 17.50
CA PRO B 338 23.76 23.17 18.59
C PRO B 338 23.32 22.60 19.93
N TYR B 339 24.08 21.69 20.53
CA TYR B 339 23.75 21.16 21.85
C TYR B 339 24.20 22.18 22.89
N SER B 340 23.29 22.66 23.73
CA SER B 340 23.63 23.69 24.71
C SER B 340 23.98 23.13 26.08
N ILE B 341 24.82 23.84 26.84
CA ILE B 341 25.22 23.34 28.15
C ILE B 341 24.02 23.24 29.08
N GLN B 342 23.09 24.16 28.89
CA GLN B 342 21.88 24.26 29.68
C GLN B 342 21.06 23.00 29.57
N THR B 343 20.98 22.46 28.36
CA THR B 343 20.25 21.23 28.13
C THR B 343 21.09 20.06 28.61
N ALA B 344 22.38 20.09 28.27
CA ALA B 344 23.24 18.96 28.58
C ALA B 344 23.41 18.67 30.07
N GLU B 345 23.52 19.72 30.89
CA GLU B 345 23.72 19.52 32.32
C GLU B 345 22.52 18.87 32.99
N LYS B 346 21.36 18.92 32.36
CA LYS B 346 20.18 18.30 32.95
C LYS B 346 20.06 16.84 32.58
N GLN B 347 20.98 16.33 31.75
CA GLN B 347 20.84 14.94 31.32
C GLN B 347 22.18 14.25 31.05
N ASN B 348 23.11 14.35 32.00
CA ASN B 348 24.41 13.71 31.83
C ASN B 348 24.30 12.21 31.63
N TRP B 349 23.21 11.61 32.10
CA TRP B 349 22.93 10.19 31.91
C TRP B 349 22.96 9.80 30.41
N LEU B 350 22.60 10.75 29.53
CA LEU B 350 22.47 10.45 28.10
C LEU B 350 23.80 10.15 27.46
N HIS B 351 24.86 10.75 28.00
CA HIS B 351 26.15 10.70 27.37
C HIS B 351 26.85 9.34 27.38
N SER B 352 26.42 8.45 28.25
CA SER B 352 26.99 7.10 28.26
C SER B 352 26.51 6.31 27.04
N TYR B 353 25.58 6.89 26.27
CA TYR B 353 25.09 6.24 25.06
C TYR B 353 25.88 6.71 23.84
N PHE B 354 26.67 7.75 24.03
CA PHE B 354 27.34 8.39 22.90
C PHE B 354 28.55 7.70 22.29
N HIS B 355 28.56 7.70 20.98
CA HIS B 355 29.66 7.14 20.21
C HIS B 355 30.23 8.21 19.26
N LYS B 356 31.53 8.09 18.96
CA LYS B 356 32.25 9.05 18.13
C LYS B 356 31.82 8.97 16.68
N TRP B 357 32.07 10.05 15.95
CA TRP B 357 31.83 10.08 14.53
C TRP B 357 33.07 9.53 13.85
N SER B 358 32.85 8.54 13.00
CA SER B 358 33.91 7.91 12.26
C SER B 358 33.32 7.49 10.93
N ALA B 359 33.96 7.88 9.83
CA ALA B 359 33.37 7.59 8.51
C ALA B 359 34.46 7.34 7.45
N GLU B 360 35.41 6.49 7.79
CA GLU B 360 36.48 6.10 6.86
C GLU B 360 35.84 5.49 5.60
N THR B 361 34.78 4.71 5.79
CA THR B 361 34.12 4.08 4.66
C THR B 361 33.78 5.05 3.55
N SER B 362 33.49 6.32 3.90
CA SER B 362 33.16 7.30 2.89
C SER B 362 34.16 8.44 2.87
N GLY B 363 35.31 8.24 3.50
CA GLY B 363 36.37 9.24 3.58
C GLY B 363 35.95 10.52 4.29
N ARG B 364 34.99 10.42 5.20
CA ARG B 364 34.39 11.62 5.82
C ARG B 364 34.52 11.72 7.36
N SER B 365 35.52 11.06 7.93
CA SER B 365 35.68 11.15 9.37
C SER B 365 35.97 12.59 9.80
N ASN B 366 36.52 13.41 8.92
CA ASN B 366 36.76 14.83 9.28
C ASN B 366 35.74 15.81 8.73
N ALA B 367 34.67 15.28 8.15
CA ALA B 367 33.56 16.09 7.64
C ALA B 367 32.43 15.89 8.61
N MET B 368 32.23 16.84 9.53
CA MET B 368 31.27 16.66 10.61
C MET B 368 29.87 16.37 10.10
N PRO B 369 29.15 15.49 10.80
CA PRO B 369 27.82 15.07 10.36
C PRO B 369 26.79 16.15 10.58
N HIS B 370 26.05 16.42 9.51
CA HIS B 370 24.85 17.23 9.63
C HIS B 370 23.66 16.38 9.15
N ILE B 371 23.97 15.25 8.50
CA ILE B 371 22.96 14.24 8.14
C ILE B 371 22.44 13.64 9.47
N LYS B 372 21.25 13.04 9.45
CA LYS B 372 20.75 12.29 10.59
C LYS B 372 20.24 11.00 10.04
N THR B 373 20.58 9.89 10.69
CA THR B 373 20.14 8.58 10.18
C THR B 373 19.78 7.71 11.35
N TYR B 374 18.91 6.75 11.08
CA TYR B 374 18.48 5.79 12.06
C TYR B 374 18.39 4.44 11.36
N MET B 375 18.83 3.40 12.06
CA MET B 375 18.84 2.07 11.47
C MET B 375 18.88 0.94 12.49
N ARG B 376 18.68 -0.27 11.99
CA ARG B 376 18.59 -1.46 12.81
C ARG B 376 19.53 -2.56 12.28
N PRO B 377 20.80 -2.51 12.68
CA PRO B 377 21.74 -3.53 12.22
C PRO B 377 21.61 -4.84 12.99
N SER B 378 22.13 -5.90 12.40
CA SER B 378 22.20 -7.19 13.06
C SER B 378 23.32 -7.15 14.11
N PRO B 379 23.39 -8.18 14.95
CA PRO B 379 24.39 -8.25 16.02
C PRO B 379 25.84 -8.10 15.58
N ASP B 380 26.19 -8.53 14.39
CA ASP B 380 27.56 -8.29 13.95
C ASP B 380 27.64 -7.15 12.94
N PHE B 381 26.58 -6.35 12.85
CA PHE B 381 26.57 -5.21 11.93
C PHE B 381 26.88 -5.54 10.50
N SER B 382 26.61 -6.76 10.07
CA SER B 382 26.85 -7.14 8.68
C SER B 382 25.62 -6.86 7.80
N LYS B 383 24.46 -6.71 8.41
CA LYS B 383 23.26 -6.41 7.67
C LYS B 383 22.33 -5.50 8.46
N ILE B 384 21.33 -4.93 7.80
CA ILE B 384 20.36 -4.10 8.49
C ILE B 384 18.91 -4.43 8.10
N ALA B 385 18.00 -4.25 9.03
CA ALA B 385 16.60 -4.51 8.80
C ALA B 385 15.91 -3.32 8.12
N TRP B 386 16.53 -2.15 8.21
CA TRP B 386 16.00 -0.89 7.66
C TRP B 386 16.97 0.26 7.91
N PHE B 387 16.78 1.35 7.17
CA PHE B 387 17.63 2.55 7.31
C PHE B 387 16.72 3.74 7.02
N LEU B 388 16.91 4.80 7.80
CA LEU B 388 16.13 6.02 7.65
C LEU B 388 17.09 7.21 7.55
N VAL B 389 16.91 8.03 6.52
CA VAL B 389 17.62 9.30 6.45
C VAL B 389 16.55 10.39 6.64
N THR B 390 16.81 11.35 7.52
CA THR B 390 15.79 12.33 7.85
C THR B 390 16.42 13.63 8.33
N SER B 391 15.61 14.68 8.40
CA SER B 391 16.04 15.92 9.00
C SER B 391 15.80 15.84 10.52
N ALA B 392 15.12 14.80 11.02
CA ALA B 392 14.83 14.76 12.46
C ALA B 392 16.05 14.47 13.37
N ASN B 393 16.39 15.39 14.24
CA ASN B 393 17.44 15.14 15.23
C ASN B 393 16.89 14.36 16.44
N LEU B 394 17.73 14.18 17.48
CA LEU B 394 17.30 13.48 18.69
C LEU B 394 16.58 14.43 19.67
N SER B 395 15.31 14.69 19.41
CA SER B 395 14.53 15.55 20.27
C SER B 395 13.07 15.21 20.15
N LYS B 396 12.37 15.47 21.23
CA LYS B 396 10.91 15.30 21.29
C LYS B 396 10.18 16.25 20.31
N ALA B 397 10.80 17.41 20.03
CA ALA B 397 10.22 18.39 19.12
C ALA B 397 10.03 17.79 17.74
N ALA B 398 11.05 17.05 17.32
CA ALA B 398 11.14 16.43 16.02
C ALA B 398 10.36 15.14 15.95
N TRP B 399 10.49 14.30 16.97
CA TRP B 399 9.90 12.96 16.92
C TRP B 399 8.53 12.82 17.56
N GLY B 400 8.14 13.77 18.40
CA GLY B 400 6.86 13.70 19.08
C GLY B 400 6.97 13.14 20.49
N ALA B 401 6.15 13.62 21.42
CA ALA B 401 6.13 13.05 22.78
C ALA B 401 4.69 12.82 23.22
N LEU B 402 4.41 11.64 23.76
CA LEU B 402 3.07 11.31 24.23
C LEU B 402 2.60 12.24 25.34
N GLU B 403 1.32 12.57 25.29
CA GLU B 403 0.64 13.44 26.25
C GLU B 403 -0.71 12.85 26.58
N LYS B 404 -1.42 13.52 27.47
CA LYS B 404 -2.74 13.16 27.91
C LYS B 404 -2.86 11.68 28.15
N ASN B 405 -2.01 11.19 29.05
CA ASN B 405 -1.99 9.77 29.43
C ASN B 405 -1.83 8.79 28.26
N GLY B 406 -0.81 9.04 27.41
CA GLY B 406 -0.51 8.14 26.31
C GLY B 406 -1.49 8.08 25.15
N THR B 407 -2.41 9.03 25.05
CA THR B 407 -3.40 8.99 23.97
C THR B 407 -3.13 10.02 22.87
N GLN B 408 -2.20 10.92 23.10
CA GLN B 408 -1.99 11.98 22.14
C GLN B 408 -0.49 12.15 21.88
N LEU B 409 -0.09 12.21 20.61
CA LEU B 409 1.32 12.44 20.30
C LEU B 409 1.45 13.90 19.93
N MET B 410 2.30 14.61 20.66
CA MET B 410 2.49 16.03 20.41
C MET B 410 3.79 16.30 19.67
N ILE B 411 3.67 17.00 18.55
CA ILE B 411 4.84 17.32 17.76
C ILE B 411 4.92 18.83 17.61
N ARG B 412 6.11 19.38 17.77
CA ARG B 412 6.29 20.83 17.61
C ARG B 412 6.79 21.28 16.24
N SER B 413 7.49 20.39 15.53
CA SER B 413 8.17 20.79 14.29
C SER B 413 7.76 20.07 12.99
N TYR B 414 8.22 20.61 11.86
CA TYR B 414 8.11 19.94 10.56
C TYR B 414 9.47 19.26 10.34
N GLU B 415 9.44 17.96 10.01
CA GLU B 415 10.62 17.16 9.70
C GLU B 415 10.22 16.24 8.55
N LEU B 416 11.20 15.69 7.86
CA LEU B 416 10.91 14.79 6.74
C LEU B 416 12.08 13.88 6.46
N GLY B 417 11.77 12.62 6.23
CA GLY B 417 12.77 11.62 5.90
C GLY B 417 12.18 10.51 5.03
N VAL B 418 13.04 9.60 4.60
CA VAL B 418 12.62 8.46 3.80
C VAL B 418 13.22 7.23 4.44
N LEU B 419 12.38 6.21 4.55
CA LEU B 419 12.72 4.96 5.17
C LEU B 419 12.89 3.91 4.06
N PHE B 420 14.02 3.19 4.10
CA PHE B 420 14.33 2.13 3.18
C PHE B 420 14.05 0.81 3.88
N LEU B 421 13.03 0.09 3.43
CA LEU B 421 12.67 -1.20 4.02
C LEU B 421 12.99 -2.30 3.00
N PRO B 422 13.65 -3.37 3.44
CA PRO B 422 13.96 -4.48 2.53
C PRO B 422 12.73 -4.99 1.80
N SER B 423 11.58 -5.00 2.48
CA SER B 423 10.38 -5.55 1.88
C SER B 423 9.98 -4.76 0.61
N ALA B 424 10.39 -3.50 0.55
CA ALA B 424 10.02 -2.68 -0.61
C ALA B 424 10.81 -3.10 -1.85
N LEU B 425 11.91 -3.83 -1.66
CA LEU B 425 12.66 -4.36 -2.79
C LEU B 425 12.47 -5.88 -2.89
N GLY B 426 11.55 -6.45 -2.11
CA GLY B 426 11.38 -7.89 -2.11
C GLY B 426 12.45 -8.63 -1.30
N LEU B 427 13.16 -7.92 -0.43
CA LEU B 427 14.20 -8.54 0.42
C LEU B 427 13.77 -8.66 1.86
N ASP B 428 14.59 -9.35 2.64
CA ASP B 428 14.33 -9.50 4.06
C ASP B 428 15.27 -8.65 4.91
N SER B 429 16.45 -8.34 4.37
CA SER B 429 17.42 -7.44 5.03
C SER B 429 18.32 -6.92 3.95
N PHE B 430 19.14 -5.90 4.26
CA PHE B 430 20.11 -5.40 3.30
C PHE B 430 21.50 -5.75 3.82
N LYS B 431 22.38 -6.20 2.94
CA LYS B 431 23.76 -6.37 3.34
C LYS B 431 24.34 -4.98 3.47
N VAL B 432 25.23 -4.79 4.42
CA VAL B 432 25.86 -3.50 4.55
C VAL B 432 27.00 -3.43 3.59
N LYS B 433 27.03 -2.35 2.82
CA LYS B 433 28.10 -2.15 1.86
C LYS B 433 29.39 -1.78 2.59
N GLN B 434 30.45 -2.49 2.26
CA GLN B 434 31.77 -2.34 2.91
C GLN B 434 32.43 -0.97 2.79
N LYS B 435 32.43 -0.42 1.58
CA LYS B 435 32.99 0.89 1.33
C LYS B 435 31.91 1.67 0.62
N PHE B 436 31.51 2.79 1.20
CA PHE B 436 30.43 3.59 0.64
C PHE B 436 30.54 3.74 -0.87
N ALA B 445 21.99 -3.90 -4.26
CA ALA B 445 21.28 -4.59 -3.13
C ALA B 445 21.97 -4.37 -1.78
N THR B 446 23.18 -3.85 -1.78
CA THR B 446 23.84 -3.63 -0.50
C THR B 446 23.69 -2.16 -0.16
N PHE B 447 23.31 -1.91 1.07
CA PHE B 447 23.04 -0.53 1.51
C PHE B 447 24.30 0.24 1.87
N PRO B 448 24.43 1.44 1.32
CA PRO B 448 25.56 2.32 1.60
C PRO B 448 25.45 3.09 2.94
N VAL B 449 25.76 2.45 4.06
CA VAL B 449 25.84 3.13 5.36
C VAL B 449 27.03 4.08 5.24
N PRO B 450 26.81 5.37 5.47
CA PRO B 450 27.89 6.35 5.28
C PRO B 450 28.93 6.48 6.37
N TYR B 451 28.72 5.84 7.53
CA TYR B 451 29.73 5.86 8.59
C TYR B 451 30.16 4.45 8.96
N ASP B 452 31.22 4.39 9.75
CA ASP B 452 31.82 3.10 10.11
C ASP B 452 31.06 2.30 11.16
N LEU B 453 31.09 0.96 11.02
CA LEU B 453 30.49 0.05 11.98
C LEU B 453 31.59 -0.92 12.43
N PRO B 454 31.58 -1.32 13.70
CA PRO B 454 30.55 -0.90 14.67
C PRO B 454 30.89 0.50 15.18
N PRO B 455 29.93 1.20 15.74
CA PRO B 455 30.18 2.53 16.29
C PRO B 455 31.16 2.41 17.47
N GLU B 456 31.99 3.42 17.67
CA GLU B 456 32.98 3.41 18.71
C GLU B 456 32.56 4.29 19.88
N LEU B 457 32.50 3.71 21.08
CA LEU B 457 32.13 4.44 22.28
C LEU B 457 33.11 5.58 22.59
N TYR B 458 32.62 6.68 23.17
CA TYR B 458 33.50 7.76 23.56
C TYR B 458 34.53 7.19 24.54
N GLY B 459 35.74 7.76 24.52
CA GLY B 459 36.76 7.36 25.48
C GLY B 459 36.48 8.07 26.79
N SER B 460 37.19 7.68 27.85
CA SER B 460 36.94 8.29 29.16
C SER B 460 37.18 9.79 29.17
N LYS B 461 38.06 10.25 28.31
CA LYS B 461 38.39 11.67 28.22
C LYS B 461 37.48 12.44 27.25
N ASP B 462 36.75 11.70 26.41
CA ASP B 462 35.87 12.34 25.45
C ASP B 462 34.66 13.00 26.09
N ARG B 463 34.17 14.05 25.43
CA ARG B 463 33.00 14.77 25.86
C ARG B 463 32.20 15.13 24.60
N PRO B 464 30.88 15.16 24.71
CA PRO B 464 30.06 15.50 23.54
C PRO B 464 30.31 16.95 23.15
N TRP B 465 30.20 17.27 21.87
CA TRP B 465 30.35 18.66 21.48
C TRP B 465 29.21 19.47 22.10
N ILE B 466 29.54 20.55 22.83
CA ILE B 466 28.55 21.44 23.42
C ILE B 466 28.96 22.81 22.91
N TRP B 467 28.08 23.46 22.18
CA TRP B 467 28.50 24.63 21.42
C TRP B 467 28.68 25.91 22.19
N ASN B 468 28.03 26.03 23.35
CA ASN B 468 28.14 27.29 24.04
C ASN B 468 29.06 27.34 25.26
N ILE B 469 30.09 26.51 25.28
CA ILE B 469 31.12 26.61 26.29
C ILE B 469 32.45 26.69 25.58
N PRO B 470 33.47 27.18 26.28
CA PRO B 470 34.78 27.39 25.67
C PRO B 470 35.62 26.14 25.55
N TYR B 471 36.43 26.09 24.50
CA TYR B 471 37.41 25.04 24.33
C TYR B 471 38.72 25.76 24.07
N VAL B 472 39.57 25.79 25.09
CA VAL B 472 40.83 26.52 24.99
C VAL B 472 42.06 25.68 25.30
N LYS B 473 41.90 24.37 25.45
CA LYS B 473 43.03 23.53 25.82
C LYS B 473 43.86 23.20 24.59
N ALA B 474 43.19 23.01 23.45
CA ALA B 474 43.89 22.69 22.22
C ALA B 474 43.22 23.38 21.03
N PRO B 475 44.04 23.78 20.06
CA PRO B 475 43.57 24.54 18.91
C PRO B 475 43.09 23.61 17.81
N ASP B 476 42.36 24.15 16.85
CA ASP B 476 41.77 23.33 15.81
C ASP B 476 42.64 23.30 14.56
N THR B 477 42.14 22.67 13.50
CA THR B 477 42.92 22.53 12.27
C THR B 477 43.27 23.86 11.61
N HIS B 478 42.66 24.95 12.06
CA HIS B 478 42.98 26.26 11.49
C HIS B 478 43.80 27.14 12.45
N GLY B 479 44.16 26.59 13.60
CA GLY B 479 44.97 27.32 14.57
C GLY B 479 44.15 28.05 15.62
N ASN B 480 42.82 27.87 15.61
CA ASN B 480 41.99 28.60 16.56
C ASN B 480 41.45 27.82 17.75
N MET B 481 41.09 28.58 18.79
CA MET B 481 40.40 28.08 19.97
C MET B 481 38.95 28.45 19.79
N TRP B 482 38.12 28.03 20.74
CA TRP B 482 36.67 28.29 20.67
C TRP B 482 36.22 29.03 21.91
N VAL B 483 35.74 30.26 21.73
CA VAL B 483 35.31 31.08 22.85
C VAL B 483 33.98 31.73 22.54
N PRO B 484 32.91 31.04 22.88
CA PRO B 484 31.56 31.52 22.55
C PRO B 484 31.18 32.75 23.36
N SER B 485 30.20 33.49 22.86
CA SER B 485 29.69 34.67 23.56
C SER B 485 29.88 35.89 22.66
#